data_7UGH
#
_entry.id   7UGH
#
_cell.length_a   96.860
_cell.length_b   96.860
_cell.length_c   216.640
_cell.angle_alpha   90.000
_cell.angle_beta   90.000
_cell.angle_gamma   90.000
#
_symmetry.space_group_name_H-M   'P 41 21 2'
#
loop_
_entity.id
_entity.type
_entity.pdbx_description
1 polymer 'Phosphopyruvate hydratase'
2 non-polymer '2-PHOSPHOGLYCERIC ACID'
3 non-polymer 1,2-ETHANEDIOL
4 non-polymer 'ACETATE ION'
5 non-polymer 'SODIUM ION'
6 water water
#
_entity_poly.entity_id   1
_entity_poly.type   'polypeptide(L)'
_entity_poly.pdbx_seq_one_letter_code
;MAHHHHHHQKLVEDALNECYNANASDPVGFLGHFFLNRGKKGAVNRVDKLVGREILDSRGNPTVEVDVYANGQKRPVATA
SAPSGASTGSNEAHELRDGDKSRYLGKGVLKAVKNVNDVLGKAVEGKSLENLTELDQALIDADGDELKSNLGGNAITACS
FALATAGAAVRNEELFLYLARAFHGADKFENLKFRLPTPMVNILNGGKHAGGRLQIQEFMILPKENQPFREKVRCVAEVY
QHLGKILAERAGPSAKNVGDEGGFAPNLETADEALNYIEEAIGKAGYKVGEDVFLALDAASSEFYNSDTKKYEITQQKEF
LTSEEMVEYYVQLVNRHPAIISIEDGLEEKDYEGWKLLTERLGSKIMLVGDDLYTTNTRLIKQGIEEKWANALLLKVNQI
GTITEAMNAARMIFNVGQKVIVSHRSGETATTLISDLVVGIGATHIKTGATARGERVSKYNRLLQIEEYLEQHGLLA
;
_entity_poly.pdbx_strand_id   A,B
#
# COMPACT_ATOMS: atom_id res chain seq x y z
N GLY A 42 16.26 33.80 7.96
CA GLY A 42 15.11 34.40 8.61
C GLY A 42 14.69 33.64 9.86
N ALA A 43 15.08 32.37 9.90
CA ALA A 43 14.88 31.38 10.94
C ALA A 43 13.43 30.88 11.03
N VAL A 44 12.46 31.55 10.41
CA VAL A 44 11.07 31.11 10.43
C VAL A 44 10.77 30.44 9.09
N ASN A 45 10.39 29.16 9.16
CA ASN A 45 10.00 28.36 7.99
C ASN A 45 11.11 28.30 6.95
N ARG A 46 12.34 28.05 7.40
CA ARG A 46 13.44 27.84 6.48
C ARG A 46 14.02 26.44 6.67
N VAL A 47 14.67 25.93 5.62
CA VAL A 47 15.24 24.59 5.69
C VAL A 47 16.48 24.58 6.56
N ASP A 48 16.50 23.69 7.55
CA ASP A 48 17.72 23.45 8.30
C ASP A 48 18.62 22.45 7.60
N LYS A 49 18.05 21.35 7.12
CA LYS A 49 18.82 20.36 6.39
C LYS A 49 17.84 19.39 5.77
N LEU A 50 18.34 18.63 4.80
CA LEU A 50 17.64 17.47 4.26
C LEU A 50 18.42 16.23 4.64
N VAL A 51 17.70 15.13 4.85
CA VAL A 51 18.31 13.83 5.12
C VAL A 51 17.67 12.81 4.19
N GLY A 52 18.49 12.14 3.39
CA GLY A 52 18.00 11.14 2.46
C GLY A 52 18.15 9.73 3.00
N ARG A 53 17.33 8.82 2.47
CA ARG A 53 17.19 7.48 3.01
C ARG A 53 16.77 6.59 1.85
N GLU A 54 17.33 5.39 1.80
CA GLU A 54 16.87 4.35 0.88
C GLU A 54 15.71 3.58 1.52
N ILE A 55 14.54 3.59 0.90
CA ILE A 55 13.39 2.82 1.38
C ILE A 55 12.95 1.88 0.27
N LEU A 56 11.93 1.07 0.53
CA LEU A 56 11.31 0.23 -0.49
C LEU A 56 10.09 0.93 -1.07
N ASP A 57 9.95 0.87 -2.41
CA ASP A 57 8.69 1.30 -3.02
C ASP A 57 7.68 0.15 -2.98
N SER A 58 6.51 0.36 -3.57
CA SER A 58 5.43 -0.61 -3.45
C SER A 58 5.68 -1.88 -4.24
N ARG A 59 6.72 -1.92 -5.07
CA ARG A 59 7.11 -3.14 -5.76
C ARG A 59 8.28 -3.83 -5.07
N GLY A 60 8.76 -3.28 -3.95
CA GLY A 60 9.91 -3.89 -3.31
C GLY A 60 11.25 -3.46 -3.87
N ASN A 61 11.28 -2.38 -4.73
CA ASN A 61 12.56 -1.87 -5.20
C ASN A 61 12.93 -0.62 -4.43
N PRO A 62 14.24 -0.35 -4.28
CA PRO A 62 14.65 0.87 -3.56
C PRO A 62 14.15 2.13 -4.24
N THR A 63 13.84 3.12 -3.41
CA THR A 63 13.63 4.47 -3.89
C THR A 63 14.09 5.44 -2.79
N VAL A 64 14.09 6.71 -3.14
CA VAL A 64 14.64 7.76 -2.28
C VAL A 64 13.52 8.35 -1.43
N GLU A 65 13.76 8.40 -0.11
CA GLU A 65 12.92 9.13 0.84
C GLU A 65 13.73 10.29 1.42
N VAL A 66 13.09 11.44 1.65
CA VAL A 66 13.76 12.63 2.16
C VAL A 66 13.01 13.18 3.39
N ASP A 67 13.73 13.37 4.47
CA ASP A 67 13.27 14.12 5.63
C ASP A 67 13.68 15.59 5.49
N VAL A 68 12.77 16.49 5.83
CA VAL A 68 13.07 17.92 5.89
C VAL A 68 13.08 18.36 7.34
N TYR A 69 14.16 19.02 7.75
CA TYR A 69 14.24 19.67 9.04
C TYR A 69 14.11 21.17 8.84
N ALA A 70 13.43 21.82 9.77
CA ALA A 70 13.12 23.24 9.64
C ALA A 70 12.85 23.82 11.02
N ASN A 71 12.99 25.14 11.12
CA ASN A 71 12.59 25.91 12.30
C ASN A 71 13.32 25.47 13.56
N GLY A 72 14.54 24.96 13.43
CA GLY A 72 15.25 24.50 14.60
C GLY A 72 14.66 23.29 15.29
N GLN A 73 13.62 22.69 14.73
CA GLN A 73 12.99 21.53 15.33
C GLN A 73 13.89 20.31 15.21
N LYS A 74 13.96 19.51 16.28
CA LYS A 74 14.90 18.39 16.33
C LYS A 74 14.42 17.20 15.51
N ARG A 75 13.10 17.06 15.29
CA ARG A 75 12.62 15.97 14.46
C ARG A 75 12.12 16.53 13.14
N PRO A 76 12.19 15.74 12.05
CA PRO A 76 11.77 16.25 10.73
C PRO A 76 10.36 16.81 10.76
N VAL A 77 10.15 17.89 10.00
CA VAL A 77 8.80 18.45 9.87
C VAL A 77 8.02 17.76 8.76
N ALA A 78 8.68 17.00 7.89
CA ALA A 78 8.00 16.31 6.80
C ALA A 78 8.93 15.25 6.23
N THR A 79 8.32 14.27 5.58
CA THR A 79 9.00 13.15 4.95
C THR A 79 8.21 12.80 3.69
N ALA A 80 8.89 12.71 2.54
CA ALA A 80 8.23 12.23 1.34
C ALA A 80 9.24 11.46 0.48
N SER A 81 8.74 10.75 -0.52
CA SER A 81 9.61 9.89 -1.30
C SER A 81 9.17 9.91 -2.76
N ALA A 82 10.11 9.51 -3.64
CA ALA A 82 9.84 9.52 -5.07
C ALA A 82 9.27 8.18 -5.54
N PRO A 83 8.35 8.23 -6.48
CA PRO A 83 7.87 7.01 -7.14
C PRO A 83 8.84 6.58 -8.24
N SER A 84 8.55 5.47 -8.89
CA SER A 84 9.42 4.98 -9.96
C SER A 84 8.63 4.17 -10.98
N GLY A 85 8.78 4.52 -12.27
CA GLY A 85 8.12 3.77 -13.33
C GLY A 85 8.84 2.48 -13.63
N ALA A 86 8.17 1.65 -14.43
CA ALA A 86 8.77 0.38 -14.82
C ALA A 86 9.93 0.58 -15.80
N SER A 87 10.00 1.74 -16.46
CA SER A 87 11.05 2.03 -17.42
C SER A 87 11.29 3.53 -17.44
N THR A 88 12.54 3.91 -17.75
CA THR A 88 12.94 5.31 -17.87
C THR A 88 13.75 5.47 -19.15
N GLY A 89 13.33 6.41 -20.00
CA GLY A 89 13.93 6.57 -21.32
C GLY A 89 14.82 7.79 -21.49
N SER A 90 14.77 8.40 -22.67
CA SER A 90 15.75 9.43 -23.05
C SER A 90 15.19 10.85 -23.09
N ASN A 91 13.87 11.04 -22.94
CA ASN A 91 13.28 12.37 -22.81
C ASN A 91 12.77 12.62 -21.41
N GLU A 92 13.27 11.87 -20.43
CA GLU A 92 12.80 11.96 -19.06
C GLU A 92 13.98 12.21 -18.14
N ALA A 93 13.64 12.69 -16.94
CA ALA A 93 14.63 12.80 -15.88
C ALA A 93 15.28 11.44 -15.66
N HIS A 94 16.60 11.45 -15.53
CA HIS A 94 17.35 10.20 -15.35
C HIS A 94 17.15 9.69 -13.92
N GLU A 95 16.62 8.48 -13.78
CA GLU A 95 16.53 7.82 -12.49
C GLU A 95 17.89 7.22 -12.14
N LEU A 96 18.52 7.73 -11.06
CA LEU A 96 19.88 7.33 -10.72
C LEU A 96 19.85 6.09 -9.84
N ARG A 97 20.43 5.00 -10.33
CA ARG A 97 20.53 3.75 -9.60
C ARG A 97 21.99 3.33 -9.50
N ASP A 98 22.30 2.51 -8.49
CA ASP A 98 23.69 2.23 -8.17
C ASP A 98 24.32 1.23 -9.14
N GLY A 99 23.56 0.28 -9.65
CA GLY A 99 24.13 -0.72 -10.53
C GLY A 99 25.04 -1.70 -9.83
N ASP A 100 25.05 -1.72 -8.51
CA ASP A 100 25.76 -2.75 -7.75
C ASP A 100 24.90 -4.02 -7.78
N LYS A 101 25.31 -5.01 -8.57
CA LYS A 101 24.54 -6.24 -8.68
C LYS A 101 24.45 -7.01 -7.37
N SER A 102 25.32 -6.72 -6.41
CA SER A 102 25.27 -7.37 -5.10
C SER A 102 24.26 -6.74 -4.15
N ARG A 103 23.66 -5.60 -4.48
CA ARG A 103 22.58 -5.01 -3.68
C ARG A 103 21.34 -4.81 -4.54
N TYR A 104 20.21 -5.40 -4.11
CA TYR A 104 18.91 -5.12 -4.72
C TYR A 104 18.94 -5.34 -6.24
N LEU A 105 19.70 -6.36 -6.64
CA LEU A 105 19.81 -6.75 -8.05
C LEU A 105 20.19 -5.54 -8.93
N GLY A 106 21.05 -4.67 -8.39
CA GLY A 106 21.51 -3.51 -9.10
C GLY A 106 20.66 -2.25 -8.98
N LYS A 107 19.58 -2.27 -8.19
CA LYS A 107 18.62 -1.17 -8.16
C LYS A 107 18.73 -0.31 -6.89
N GLY A 108 19.84 -0.37 -6.17
CA GLY A 108 20.00 0.48 -5.00
C GLY A 108 20.02 1.95 -5.39
N VAL A 109 19.72 2.81 -4.42
CA VAL A 109 19.75 4.26 -4.67
C VAL A 109 20.63 4.98 -3.65
N LEU A 110 21.71 4.33 -3.22
CA LEU A 110 22.65 4.95 -2.28
C LEU A 110 23.31 6.19 -2.87
N LYS A 111 23.63 6.15 -4.16
CA LYS A 111 24.26 7.32 -4.80
C LYS A 111 23.31 8.50 -4.80
N ALA A 112 22.06 8.27 -5.20
CA ALA A 112 21.07 9.33 -5.19
C ALA A 112 20.85 9.84 -3.77
N VAL A 113 20.80 8.93 -2.79
CA VAL A 113 20.64 9.34 -1.40
C VAL A 113 21.82 10.20 -0.96
N LYS A 114 23.03 9.82 -1.37
CA LYS A 114 24.19 10.62 -1.00
C LYS A 114 24.10 12.01 -1.62
N ASN A 115 23.55 12.11 -2.84
CA ASN A 115 23.40 13.43 -3.46
C ASN A 115 22.42 14.30 -2.69
N VAL A 116 21.38 13.71 -2.08
CA VAL A 116 20.50 14.46 -1.18
C VAL A 116 21.30 15.00 0.00
N ASN A 117 22.03 14.12 0.68
CA ASN A 117 22.72 14.51 1.90
C ASN A 117 23.83 15.52 1.61
N ASP A 118 24.54 15.37 0.49
CA ASP A 118 25.76 16.13 0.27
C ASP A 118 25.60 17.32 -0.66
N VAL A 119 24.58 17.36 -1.51
CA VAL A 119 24.53 18.39 -2.54
C VAL A 119 23.18 19.12 -2.49
N LEU A 120 22.10 18.36 -2.69
CA LEU A 120 20.78 18.96 -2.78
C LEU A 120 20.36 19.57 -1.45
N GLY A 121 20.61 18.88 -0.34
CA GLY A 121 20.36 19.49 0.95
C GLY A 121 21.07 20.82 1.08
N LYS A 122 22.36 20.85 0.78
CA LYS A 122 23.13 22.09 0.94
C LYS A 122 22.60 23.20 0.03
N ALA A 123 22.01 22.83 -1.11
CA ALA A 123 21.51 23.83 -2.06
C ALA A 123 20.24 24.51 -1.59
N VAL A 124 19.49 23.89 -0.68
CA VAL A 124 18.28 24.52 -0.17
C VAL A 124 18.38 24.93 1.29
N GLU A 125 19.49 24.65 1.97
CA GLU A 125 19.64 25.08 3.36
C GLU A 125 19.48 26.60 3.48
N GLY A 126 18.69 27.02 4.47
CA GLY A 126 18.48 28.43 4.72
C GLY A 126 17.44 29.07 3.83
N LYS A 127 16.94 28.36 2.82
CA LYS A 127 15.92 28.91 1.92
C LYS A 127 14.53 28.75 2.54
N SER A 128 13.64 29.67 2.16
CA SER A 128 12.30 29.67 2.72
C SER A 128 11.47 28.50 2.21
N LEU A 129 10.77 27.83 3.13
CA LEU A 129 9.80 26.82 2.74
C LEU A 129 8.53 27.39 2.13
N GLU A 130 8.35 28.69 2.12
CA GLU A 130 7.11 29.24 1.59
C GLU A 130 7.13 29.51 0.09
N ASN A 131 8.27 29.38 -0.57
CA ASN A 131 8.40 29.69 -2.00
C ASN A 131 8.86 28.43 -2.71
N LEU A 132 7.89 27.63 -3.18
CA LEU A 132 8.22 26.34 -3.81
C LEU A 132 9.02 26.53 -5.10
N THR A 133 8.68 27.54 -5.90
CA THR A 133 9.40 27.77 -7.15
C THR A 133 10.90 27.94 -6.89
N GLU A 134 11.27 28.76 -5.89
CA GLU A 134 12.68 28.98 -5.58
C GLU A 134 13.35 27.69 -5.08
N LEU A 135 12.65 26.89 -4.26
CA LEU A 135 13.22 25.63 -3.82
C LEU A 135 13.48 24.70 -5.00
N ASP A 136 12.47 24.53 -5.87
CA ASP A 136 12.63 23.66 -7.03
C ASP A 136 13.73 24.17 -7.96
N GLN A 137 13.83 25.49 -8.12
CA GLN A 137 14.89 26.02 -8.97
C GLN A 137 16.26 25.74 -8.37
N ALA A 138 16.38 25.80 -7.04
CA ALA A 138 17.66 25.48 -6.41
C ALA A 138 18.03 24.03 -6.67
N LEU A 139 17.06 23.13 -6.62
CA LEU A 139 17.33 21.73 -6.92
C LEU A 139 17.77 21.57 -8.37
N ILE A 140 17.06 22.21 -9.30
CA ILE A 140 17.37 22.11 -10.72
C ILE A 140 18.77 22.65 -10.99
N ASP A 141 19.09 23.80 -10.39
CA ASP A 141 20.38 24.43 -10.65
C ASP A 141 21.51 23.60 -10.08
N ALA A 142 21.30 23.01 -8.91
CA ALA A 142 22.34 22.19 -8.29
C ALA A 142 22.75 21.03 -9.18
N ASP A 143 21.80 20.46 -9.90
CA ASP A 143 22.15 19.33 -10.74
C ASP A 143 22.69 19.80 -12.08
N GLY A 144 22.05 20.80 -12.67
CA GLY A 144 22.66 21.50 -13.80
C GLY A 144 22.69 20.74 -15.10
N ASP A 145 21.99 19.61 -15.18
CA ASP A 145 21.97 18.79 -16.38
C ASP A 145 20.53 18.68 -16.88
N GLU A 146 20.36 18.73 -18.20
CA GLU A 146 19.02 18.76 -18.79
C GLU A 146 18.19 17.57 -18.33
N LEU A 147 18.76 16.37 -18.38
CA LEU A 147 18.06 15.16 -17.98
C LEU A 147 18.22 14.83 -16.50
N LYS A 148 18.73 15.77 -15.70
CA LYS A 148 18.95 15.58 -14.27
C LYS A 148 19.82 14.36 -13.99
N SER A 149 20.79 14.11 -14.87
CA SER A 149 21.57 12.89 -14.78
C SER A 149 22.84 13.04 -13.97
N ASN A 150 23.09 14.22 -13.39
CA ASN A 150 24.25 14.36 -12.53
CA ASN A 150 24.24 14.40 -12.51
C ASN A 150 23.91 13.96 -11.09
N LEU A 151 22.83 14.49 -10.53
CA LEU A 151 22.44 14.17 -9.17
C LEU A 151 21.34 13.12 -9.12
N GLY A 152 20.60 12.95 -10.20
CA GLY A 152 19.55 11.97 -10.29
C GLY A 152 18.18 12.58 -10.17
N GLY A 153 17.32 12.33 -11.17
CA GLY A 153 15.95 12.83 -11.08
C GLY A 153 15.21 12.30 -9.86
N ASN A 154 15.47 11.05 -9.48
CA ASN A 154 14.76 10.50 -8.33
C ASN A 154 15.13 11.25 -7.05
N ALA A 155 16.40 11.65 -6.89
CA ALA A 155 16.76 12.50 -5.76
C ALA A 155 16.02 13.84 -5.81
N ILE A 156 15.99 14.47 -6.98
CA ILE A 156 15.37 15.79 -7.13
C ILE A 156 13.87 15.72 -6.87
N THR A 157 13.17 14.73 -7.44
CA THR A 157 11.73 14.61 -7.19
C THR A 157 11.45 14.37 -5.72
N ALA A 158 12.23 13.50 -5.08
CA ALA A 158 11.97 13.23 -3.67
C ALA A 158 12.16 14.49 -2.84
N CYS A 159 13.17 15.30 -3.16
CA CYS A 159 13.37 16.56 -2.44
C CYS A 159 12.23 17.52 -2.72
N SER A 160 11.81 17.64 -3.97
CA SER A 160 10.69 18.50 -4.31
C SER A 160 9.43 18.11 -3.52
N PHE A 161 9.07 16.82 -3.56
CA PHE A 161 7.92 16.33 -2.81
C PHE A 161 8.04 16.66 -1.32
N ALA A 162 9.18 16.34 -0.73
CA ALA A 162 9.33 16.54 0.71
C ALA A 162 9.35 18.01 1.08
N LEU A 163 9.97 18.84 0.24
CA LEU A 163 10.00 20.27 0.54
C LEU A 163 8.61 20.89 0.44
N ALA A 164 7.84 20.52 -0.58
CA ALA A 164 6.46 21.02 -0.64
C ALA A 164 5.63 20.52 0.56
N THR A 165 5.78 19.24 0.91
CA THR A 165 5.09 18.71 2.09
C THR A 165 5.50 19.47 3.34
N ALA A 166 6.79 19.79 3.44
CA ALA A 166 7.28 20.56 4.57
C ALA A 166 6.72 21.98 4.59
N GLY A 167 6.66 22.63 3.42
CA GLY A 167 6.15 24.00 3.38
C GLY A 167 4.72 24.10 3.87
N ALA A 168 3.85 23.18 3.44
CA ALA A 168 2.48 23.14 3.96
C ALA A 168 2.45 22.82 5.44
N ALA A 169 3.27 21.86 5.89
CA ALA A 169 3.28 21.48 7.30
C ALA A 169 3.67 22.65 8.21
N VAL A 170 4.77 23.35 7.90
CA VAL A 170 5.17 24.43 8.79
C VAL A 170 4.21 25.61 8.71
N ARG A 171 3.45 25.74 7.63
CA ARG A 171 2.40 26.76 7.59
C ARG A 171 1.07 26.28 8.17
N ASN A 172 1.03 25.06 8.70
CA ASN A 172 -0.18 24.49 9.27
CA ASN A 172 -0.19 24.50 9.27
C ASN A 172 -1.36 24.61 8.30
N GLU A 173 -1.12 24.20 7.05
CA GLU A 173 -2.17 24.29 6.04
C GLU A 173 -2.17 23.02 5.21
N GLU A 174 -3.34 22.72 4.64
CA GLU A 174 -3.47 21.59 3.74
C GLU A 174 -2.48 21.69 2.59
N LEU A 175 -1.90 20.54 2.21
CA LEU A 175 -0.91 20.57 1.14
C LEU A 175 -1.52 21.04 -0.18
N PHE A 176 -2.79 20.68 -0.47
CA PHE A 176 -3.34 21.14 -1.74
C PHE A 176 -3.48 22.66 -1.78
N LEU A 177 -3.66 23.31 -0.63
CA LEU A 177 -3.69 24.77 -0.61
C LEU A 177 -2.30 25.34 -0.89
N TYR A 178 -1.29 24.80 -0.23
CA TYR A 178 0.09 25.21 -0.50
C TYR A 178 0.42 25.06 -1.98
N LEU A 179 -0.02 23.95 -2.59
CA LEU A 179 0.30 23.74 -4.00
C LEU A 179 -0.53 24.65 -4.88
N ALA A 180 -1.79 24.89 -4.53
CA ALA A 180 -2.63 25.83 -5.27
C ALA A 180 -2.01 27.21 -5.29
N ARG A 181 -1.52 27.68 -4.14
CA ARG A 181 -0.90 28.99 -4.09
C ARG A 181 0.34 29.05 -4.98
N ALA A 182 1.15 27.98 -5.00
CA ALA A 182 2.32 27.94 -5.87
C ALA A 182 1.93 27.92 -7.34
N PHE A 183 0.85 27.20 -7.68
CA PHE A 183 0.40 27.09 -9.06
C PHE A 183 -0.22 28.37 -9.56
N HIS A 184 -1.09 29.00 -8.76
CA HIS A 184 -1.87 30.13 -9.22
C HIS A 184 -1.28 31.49 -8.84
N GLY A 185 -0.40 31.56 -7.85
CA GLY A 185 -0.08 32.88 -7.35
C GLY A 185 -1.05 33.32 -6.27
N ALA A 186 -0.55 34.19 -5.38
CA ALA A 186 -1.33 34.57 -4.20
C ALA A 186 -2.64 35.28 -4.58
N ASP A 187 -2.63 36.09 -5.63
CA ASP A 187 -3.83 36.87 -5.96
C ASP A 187 -4.98 35.97 -6.42
N LYS A 188 -4.69 35.03 -7.33
CA LYS A 188 -5.73 34.12 -7.78
C LYS A 188 -6.06 33.08 -6.73
N PHE A 189 -5.11 32.76 -5.85
CA PHE A 189 -5.36 31.78 -4.79
C PHE A 189 -6.35 32.30 -3.76
N GLU A 190 -6.33 33.61 -3.48
CA GLU A 190 -6.98 34.14 -2.27
C GLU A 190 -8.41 33.65 -2.11
N ASN A 191 -9.21 33.72 -3.17
CA ASN A 191 -10.61 33.30 -3.11
C ASN A 191 -10.88 32.09 -3.99
N LEU A 192 -9.85 31.30 -4.26
CA LEU A 192 -10.00 30.15 -5.13
C LEU A 192 -10.88 29.09 -4.47
N LYS A 193 -11.73 28.47 -5.27
CA LYS A 193 -12.50 27.31 -4.85
C LYS A 193 -11.96 26.09 -5.57
N PHE A 194 -12.31 24.90 -5.08
CA PHE A 194 -11.63 23.69 -5.51
C PHE A 194 -12.62 22.64 -5.94
N ARG A 195 -12.18 21.80 -6.86
CA ARG A 195 -12.98 20.70 -7.39
CA ARG A 195 -12.98 20.69 -7.37
C ARG A 195 -12.23 19.39 -7.16
N LEU A 196 -12.98 18.33 -6.95
CA LEU A 196 -12.33 17.04 -6.82
C LEU A 196 -12.29 16.34 -8.18
N PRO A 197 -11.28 15.52 -8.44
CA PRO A 197 -11.11 14.92 -9.77
C PRO A 197 -12.06 13.75 -9.98
N THR A 198 -12.10 13.31 -11.20
CA THR A 198 -12.68 12.01 -11.47
C THR A 198 -11.57 11.00 -11.58
N PRO A 199 -11.65 9.90 -10.85
CA PRO A 199 -10.56 8.91 -10.90
C PRO A 199 -10.71 7.98 -12.10
N MET A 200 -9.57 7.63 -12.70
CA MET A 200 -9.53 6.65 -13.78
C MET A 200 -8.91 5.41 -13.16
N VAL A 201 -9.72 4.39 -12.98
CA VAL A 201 -9.43 3.32 -12.02
C VAL A 201 -9.08 2.06 -12.78
N ASN A 202 -7.83 1.64 -12.67
CA ASN A 202 -7.39 0.41 -13.32
C ASN A 202 -8.05 -0.79 -12.67
N ILE A 203 -8.67 -1.66 -13.46
CA ILE A 203 -9.23 -2.85 -12.82
C ILE A 203 -8.90 -4.11 -13.60
N LEU A 204 -8.45 -3.97 -14.84
CA LEU A 204 -8.12 -5.17 -15.61
C LEU A 204 -6.92 -4.89 -16.51
N ASN A 205 -5.97 -5.82 -16.52
CA ASN A 205 -4.73 -5.61 -17.27
C ASN A 205 -4.51 -6.68 -18.31
N GLY A 206 -3.97 -6.26 -19.46
CA GLY A 206 -3.50 -7.17 -20.47
C GLY A 206 -2.05 -6.88 -20.83
N GLY A 207 -1.65 -7.21 -22.06
CA GLY A 207 -0.30 -6.88 -22.50
C GLY A 207 0.76 -7.68 -21.77
N LYS A 208 1.87 -6.99 -21.46
CA LYS A 208 2.97 -7.57 -20.68
C LYS A 208 2.51 -8.10 -19.32
N HIS A 209 1.37 -7.65 -18.80
CA HIS A 209 0.94 -7.99 -17.45
C HIS A 209 0.32 -9.38 -17.34
N ALA A 210 -0.23 -9.92 -18.43
CA ALA A 210 -1.10 -11.08 -18.34
C ALA A 210 -0.66 -12.14 -19.34
N GLY A 211 -1.19 -13.35 -19.16
CA GLY A 211 -0.76 -14.47 -19.95
C GLY A 211 -1.50 -14.71 -21.25
N GLY A 212 -2.58 -14.00 -21.51
CA GLY A 212 -3.33 -14.16 -22.74
C GLY A 212 -2.72 -13.36 -23.89
N ARG A 213 -3.45 -13.33 -24.99
CA ARG A 213 -2.99 -12.64 -26.18
C ARG A 213 -3.53 -11.21 -26.28
N LEU A 214 -4.38 -10.80 -25.34
CA LEU A 214 -4.79 -9.42 -25.22
C LEU A 214 -3.58 -8.52 -25.07
N GLN A 215 -3.49 -7.50 -25.92
CA GLN A 215 -2.33 -6.63 -25.95
C GLN A 215 -2.55 -5.26 -25.31
N ILE A 216 -3.77 -4.71 -25.39
CA ILE A 216 -4.11 -3.49 -24.65
C ILE A 216 -3.72 -3.67 -23.19
N GLN A 217 -2.99 -2.69 -22.64
CA GLN A 217 -2.36 -2.93 -21.34
C GLN A 217 -3.31 -2.70 -20.17
N GLU A 218 -4.13 -1.66 -20.20
CA GLU A 218 -4.92 -1.31 -19.03
C GLU A 218 -6.36 -1.00 -19.42
N PHE A 219 -7.28 -1.53 -18.62
CA PHE A 219 -8.70 -1.21 -18.74
C PHE A 219 -9.15 -0.54 -17.44
N MET A 220 -9.78 0.61 -17.56
CA MET A 220 -10.13 1.42 -16.41
C MET A 220 -11.63 1.68 -16.37
N ILE A 221 -12.13 1.99 -15.19
CA ILE A 221 -13.49 2.51 -15.09
C ILE A 221 -13.39 3.94 -14.59
N LEU A 222 -14.36 4.76 -15.00
CA LEU A 222 -14.49 6.11 -14.48
C LEU A 222 -15.93 6.25 -13.99
N PRO A 223 -16.16 6.74 -12.78
CA PRO A 223 -17.54 7.03 -12.36
C PRO A 223 -17.97 8.34 -12.97
N LYS A 224 -19.28 8.54 -13.04
CA LYS A 224 -19.77 9.79 -13.61
C LYS A 224 -19.24 10.99 -12.82
N GLU A 225 -19.09 12.11 -13.54
CA GLU A 225 -18.37 13.26 -13.00
C GLU A 225 -19.17 14.03 -11.96
N ASN A 226 -20.47 14.19 -12.17
CA ASN A 226 -21.25 15.12 -11.35
C ASN A 226 -21.86 14.38 -10.15
N GLN A 227 -21.03 14.12 -9.16
CA GLN A 227 -21.46 13.54 -7.91
C GLN A 227 -20.34 13.72 -6.90
N PRO A 228 -20.63 13.55 -5.61
CA PRO A 228 -19.57 13.69 -4.61
C PRO A 228 -18.45 12.68 -4.83
N PHE A 229 -17.23 13.08 -4.43
CA PHE A 229 -16.09 12.19 -4.59
C PHE A 229 -16.25 10.94 -3.74
N ARG A 230 -16.88 11.06 -2.55
CA ARG A 230 -17.07 9.86 -1.76
CA ARG A 230 -17.18 9.90 -1.71
C ARG A 230 -17.94 8.84 -2.48
N GLU A 231 -18.89 9.28 -3.32
CA GLU A 231 -19.70 8.33 -4.08
C GLU A 231 -18.97 7.81 -5.30
N LYS A 232 -18.08 8.62 -5.88
CA LYS A 232 -17.19 8.10 -6.93
C LYS A 232 -16.35 6.96 -6.39
N VAL A 233 -15.73 7.17 -5.23
CA VAL A 233 -14.90 6.14 -4.64
C VAL A 233 -15.72 4.88 -4.37
N ARG A 234 -16.91 5.05 -3.78
CA ARG A 234 -17.69 3.87 -3.45
C ARG A 234 -18.08 3.11 -4.71
N CYS A 235 -18.48 3.83 -5.74
CA CYS A 235 -18.88 3.21 -7.00
C CYS A 235 -17.76 2.32 -7.56
N VAL A 236 -16.55 2.89 -7.73
CA VAL A 236 -15.49 2.12 -8.37
C VAL A 236 -15.02 0.99 -7.47
N ALA A 237 -15.03 1.19 -6.15
CA ALA A 237 -14.67 0.12 -5.24
C ALA A 237 -15.64 -1.05 -5.34
N GLU A 238 -16.94 -0.76 -5.49
CA GLU A 238 -17.92 -1.83 -5.58
C GLU A 238 -17.80 -2.60 -6.90
N VAL A 239 -17.61 -1.89 -8.01
CA VAL A 239 -17.39 -2.56 -9.29
C VAL A 239 -16.15 -3.44 -9.22
N TYR A 240 -15.09 -2.94 -8.59
CA TYR A 240 -13.84 -3.68 -8.48
C TYR A 240 -14.05 -4.98 -7.71
N GLN A 241 -14.74 -4.92 -6.57
CA GLN A 241 -15.04 -6.13 -5.81
C GLN A 241 -15.83 -7.12 -6.65
N HIS A 242 -16.85 -6.65 -7.36
CA HIS A 242 -17.67 -7.57 -8.14
C HIS A 242 -16.86 -8.21 -9.27
N LEU A 243 -15.97 -7.44 -9.91
CA LEU A 243 -15.14 -8.04 -10.95
C LEU A 243 -14.27 -9.15 -10.38
N GLY A 244 -13.66 -8.92 -9.20
CA GLY A 244 -12.84 -9.96 -8.60
C GLY A 244 -13.62 -11.24 -8.34
N LYS A 245 -14.85 -11.10 -7.84
CA LYS A 245 -15.68 -12.28 -7.59
C LYS A 245 -16.07 -12.95 -8.90
N ILE A 246 -16.41 -12.15 -9.91
CA ILE A 246 -16.72 -12.73 -11.22
C ILE A 246 -15.54 -13.52 -11.76
N LEU A 247 -14.31 -12.98 -11.64
CA LEU A 247 -13.14 -13.68 -12.18
C LEU A 247 -12.80 -14.90 -11.35
N ALA A 248 -12.99 -14.84 -10.04
CA ALA A 248 -12.74 -16.00 -9.20
C ALA A 248 -13.73 -17.12 -9.47
N GLU A 249 -14.97 -16.78 -9.86
CA GLU A 249 -15.93 -17.82 -10.26
C GLU A 249 -15.54 -18.45 -11.60
N ARG A 250 -14.98 -17.68 -12.51
CA ARG A 250 -14.58 -18.19 -13.82
C ARG A 250 -13.30 -19.04 -13.74
N ALA A 251 -12.34 -18.66 -12.88
CA ALA A 251 -11.02 -19.28 -12.94
C ALA A 251 -10.42 -19.65 -11.58
N GLY A 252 -11.15 -19.55 -10.48
CA GLY A 252 -10.65 -20.00 -9.20
C GLY A 252 -9.89 -18.92 -8.44
N PRO A 253 -9.30 -19.30 -7.29
CA PRO A 253 -8.79 -18.29 -6.35
C PRO A 253 -7.64 -17.47 -6.89
N SER A 254 -6.79 -18.06 -7.74
CA SER A 254 -5.66 -17.32 -8.28
C SER A 254 -6.10 -16.14 -9.14
N ALA A 255 -7.33 -16.20 -9.68
CA ALA A 255 -7.81 -15.15 -10.56
C ALA A 255 -8.01 -13.83 -9.85
N LYS A 256 -7.99 -13.82 -8.52
CA LYS A 256 -8.08 -12.57 -7.76
C LYS A 256 -6.72 -12.01 -7.36
N ASN A 257 -5.60 -12.62 -7.80
CA ASN A 257 -4.29 -12.02 -7.58
C ASN A 257 -4.16 -10.75 -8.43
N VAL A 258 -3.35 -9.80 -7.97
CA VAL A 258 -3.36 -8.49 -8.60
C VAL A 258 -1.97 -8.13 -9.11
N GLY A 259 -1.95 -7.24 -10.11
CA GLY A 259 -0.72 -6.71 -10.65
C GLY A 259 -0.23 -5.54 -9.81
N ASP A 260 0.79 -4.86 -10.34
CA ASP A 260 1.50 -3.84 -9.55
C ASP A 260 0.60 -2.69 -9.12
N GLU A 261 -0.46 -2.43 -9.87
CA GLU A 261 -1.35 -1.31 -9.57
C GLU A 261 -2.69 -1.79 -9.04
N GLY A 262 -2.81 -3.07 -8.71
CA GLY A 262 -3.99 -3.63 -8.08
C GLY A 262 -5.03 -4.19 -9.04
N GLY A 263 -4.83 -4.05 -10.35
CA GLY A 263 -5.78 -4.63 -11.29
C GLY A 263 -5.65 -6.13 -11.41
N PHE A 264 -6.72 -6.76 -11.89
CA PHE A 264 -6.71 -8.19 -12.15
C PHE A 264 -6.12 -8.46 -13.52
N ALA A 265 -5.57 -9.66 -13.69
CA ALA A 265 -4.87 -10.00 -14.93
C ALA A 265 -5.29 -11.39 -15.40
N PRO A 266 -6.56 -11.57 -15.71
CA PRO A 266 -7.01 -12.87 -16.23
C PRO A 266 -6.44 -13.10 -17.62
N ASN A 267 -6.53 -14.34 -18.07
CA ASN A 267 -6.03 -14.73 -19.40
CA ASN A 267 -6.03 -14.72 -19.40
C ASN A 267 -7.12 -14.44 -20.43
N LEU A 268 -6.93 -13.39 -21.24
CA LEU A 268 -7.95 -12.96 -22.19
C LEU A 268 -7.34 -12.80 -23.57
N GLU A 269 -8.20 -12.90 -24.59
CA GLU A 269 -7.74 -12.70 -25.96
C GLU A 269 -8.01 -11.31 -26.51
N THR A 270 -9.17 -10.70 -26.22
CA THR A 270 -9.57 -9.47 -26.90
C THR A 270 -10.04 -8.41 -25.91
N ALA A 271 -9.98 -7.16 -26.37
CA ALA A 271 -10.49 -6.06 -25.56
C ALA A 271 -11.98 -6.20 -25.32
N ASP A 272 -12.71 -6.76 -26.30
CA ASP A 272 -14.14 -6.99 -26.10
C ASP A 272 -14.41 -7.91 -24.92
N GLU A 273 -13.61 -8.97 -24.77
CA GLU A 273 -13.75 -9.85 -23.62
C GLU A 273 -13.54 -9.09 -22.31
N ALA A 274 -12.49 -8.28 -22.25
CA ALA A 274 -12.21 -7.49 -21.06
C ALA A 274 -13.36 -6.54 -20.75
N LEU A 275 -13.81 -5.79 -21.77
CA LEU A 275 -14.86 -4.81 -21.54
C LEU A 275 -16.17 -5.49 -21.17
N ASN A 276 -16.42 -6.69 -21.72
CA ASN A 276 -17.63 -7.42 -21.36
C ASN A 276 -17.59 -7.88 -19.90
N TYR A 277 -16.42 -8.33 -19.41
CA TYR A 277 -16.33 -8.64 -17.98
C TYR A 277 -16.56 -7.40 -17.13
N ILE A 278 -15.93 -6.27 -17.51
CA ILE A 278 -16.11 -5.05 -16.73
C ILE A 278 -17.57 -4.61 -16.76
N GLU A 279 -18.22 -4.67 -17.93
CA GLU A 279 -19.62 -4.26 -17.99
C GLU A 279 -20.48 -5.17 -17.11
N GLU A 280 -20.13 -6.45 -17.03
CA GLU A 280 -20.87 -7.36 -16.16
C GLU A 280 -20.72 -6.97 -14.70
N ALA A 281 -19.49 -6.64 -14.28
CA ALA A 281 -19.24 -6.19 -12.91
C ALA A 281 -19.98 -4.89 -12.59
N ILE A 282 -19.98 -3.93 -13.52
CA ILE A 282 -20.76 -2.70 -13.33
C ILE A 282 -22.22 -3.02 -13.04
N GLY A 283 -22.80 -3.95 -13.80
CA GLY A 283 -24.19 -4.33 -13.58
C GLY A 283 -24.41 -5.01 -12.24
N LYS A 284 -23.50 -5.91 -11.85
CA LYS A 284 -23.65 -6.59 -10.56
CA LYS A 284 -23.66 -6.59 -10.56
C LYS A 284 -23.57 -5.62 -9.40
N ALA A 285 -22.79 -4.53 -9.56
CA ALA A 285 -22.73 -3.53 -8.50
C ALA A 285 -23.98 -2.67 -8.47
N GLY A 286 -24.89 -2.83 -9.43
CA GLY A 286 -26.09 -2.04 -9.49
C GLY A 286 -25.97 -0.73 -10.24
N TYR A 287 -24.95 -0.57 -11.07
CA TYR A 287 -24.77 0.67 -11.83
C TYR A 287 -25.08 0.44 -13.31
N LYS A 288 -25.25 1.53 -14.05
CA LYS A 288 -25.62 1.49 -15.47
C LYS A 288 -24.42 1.89 -16.32
N VAL A 289 -23.94 0.97 -17.15
CA VAL A 289 -22.85 1.27 -18.07
C VAL A 289 -23.22 2.45 -18.96
N GLY A 290 -22.33 3.41 -19.12
CA GLY A 290 -22.62 4.55 -19.96
C GLY A 290 -23.48 5.60 -19.30
N GLU A 291 -23.79 5.46 -18.02
CA GLU A 291 -24.57 6.45 -17.30
C GLU A 291 -23.91 6.71 -15.96
N ASP A 292 -23.75 5.65 -15.17
CA ASP A 292 -23.03 5.72 -13.90
C ASP A 292 -21.53 5.45 -14.03
N VAL A 293 -21.13 4.57 -14.95
CA VAL A 293 -19.74 4.13 -15.03
C VAL A 293 -19.33 4.13 -16.50
N PHE A 294 -18.17 4.70 -16.77
CA PHE A 294 -17.62 4.78 -18.11
C PHE A 294 -16.32 4.02 -18.13
N LEU A 295 -15.75 3.87 -19.32
CA LEU A 295 -14.59 3.02 -19.52
C LEU A 295 -13.48 3.83 -20.17
N ALA A 296 -12.25 3.39 -19.97
CA ALA A 296 -11.11 4.06 -20.55
C ALA A 296 -10.04 3.00 -20.78
N LEU A 297 -9.19 3.24 -21.78
CA LEU A 297 -8.10 2.33 -22.12
C LEU A 297 -6.78 3.05 -21.97
N ASP A 298 -5.74 2.30 -21.57
CA ASP A 298 -4.35 2.68 -21.80
C ASP A 298 -3.78 1.51 -22.60
N ALA A 299 -3.60 1.71 -23.91
CA ALA A 299 -3.12 0.63 -24.77
C ALA A 299 -1.64 0.35 -24.54
N ALA A 300 -0.88 1.34 -24.08
CA ALA A 300 0.58 1.27 -24.08
C ALA A 300 1.08 0.69 -25.40
N SER A 301 0.63 1.29 -26.51
CA SER A 301 0.76 0.60 -27.78
C SER A 301 2.18 0.58 -28.30
N SER A 302 3.07 1.44 -27.78
CA SER A 302 4.48 1.31 -28.15
C SER A 302 4.99 -0.09 -27.87
N GLU A 303 4.40 -0.76 -26.88
CA GLU A 303 4.86 -2.09 -26.49
C GLU A 303 4.60 -3.12 -27.55
N PHE A 304 3.59 -2.92 -28.39
CA PHE A 304 3.29 -3.91 -29.42
C PHE A 304 3.41 -3.34 -30.84
N TYR A 305 4.13 -2.23 -30.99
CA TYR A 305 4.44 -1.65 -32.28
C TYR A 305 5.79 -2.15 -32.79
N ASN A 306 5.84 -2.53 -34.07
CA ASN A 306 7.10 -2.90 -34.72
C ASN A 306 7.45 -1.78 -35.69
N SER A 307 8.52 -1.04 -35.40
CA SER A 307 8.87 0.11 -36.21
C SER A 307 9.46 -0.28 -37.56
N ASP A 308 9.91 -1.53 -37.72
CA ASP A 308 10.38 -1.97 -39.03
C ASP A 308 9.22 -2.28 -39.96
N THR A 309 8.21 -3.00 -39.48
CA THR A 309 7.06 -3.32 -40.31
C THR A 309 6.01 -2.22 -40.29
N LYS A 310 6.09 -1.30 -39.32
CA LYS A 310 5.08 -0.26 -39.12
C LYS A 310 3.72 -0.86 -38.75
N LYS A 311 3.71 -2.02 -38.09
CA LYS A 311 2.47 -2.71 -37.72
C LYS A 311 2.32 -2.79 -36.20
N TYR A 312 1.06 -2.68 -35.75
CA TYR A 312 0.69 -2.89 -34.35
C TYR A 312 0.20 -4.32 -34.18
N GLU A 313 0.86 -5.08 -33.30
CA GLU A 313 0.49 -6.46 -33.00
C GLU A 313 -0.64 -6.43 -31.96
N ILE A 314 -1.86 -6.19 -32.45
CA ILE A 314 -2.99 -5.90 -31.56
C ILE A 314 -3.49 -7.14 -30.86
N THR A 315 -3.24 -8.32 -31.41
CA THR A 315 -3.51 -9.59 -30.76
C THR A 315 -2.24 -10.41 -30.92
N GLN A 316 -1.68 -10.87 -29.80
CA GLN A 316 -0.36 -11.50 -29.79
C GLN A 316 -0.25 -12.62 -30.81
N GLN A 317 0.74 -12.48 -31.70
CA GLN A 317 1.07 -13.45 -32.73
C GLN A 317 -0.13 -13.80 -33.61
N LYS A 318 -1.10 -12.89 -33.72
CA LYS A 318 -2.29 -13.21 -34.49
C LYS A 318 -2.72 -12.09 -35.44
N GLU A 319 -2.75 -10.85 -34.97
CA GLU A 319 -3.34 -9.78 -35.76
C GLU A 319 -2.41 -8.57 -35.74
N PHE A 320 -2.16 -8.02 -36.92
CA PHE A 320 -1.16 -6.98 -37.13
C PHE A 320 -1.80 -5.87 -37.95
N LEU A 321 -1.84 -4.66 -37.39
CA LEU A 321 -2.58 -3.55 -37.98
C LEU A 321 -1.64 -2.40 -38.32
N THR A 322 -1.92 -1.74 -39.44
CA THR A 322 -1.30 -0.46 -39.72
C THR A 322 -1.85 0.60 -38.78
N SER A 323 -1.18 1.76 -38.76
CA SER A 323 -1.68 2.89 -37.98
C SER A 323 -3.14 3.18 -38.31
N GLU A 324 -3.45 3.26 -39.61
CA GLU A 324 -4.79 3.58 -40.06
CA GLU A 324 -4.79 3.58 -40.06
C GLU A 324 -5.80 2.53 -39.57
N GLU A 325 -5.46 1.25 -39.72
CA GLU A 325 -6.33 0.18 -39.24
C GLU A 325 -6.47 0.19 -37.71
N MET A 326 -5.43 0.64 -37.01
CA MET A 326 -5.55 0.78 -35.56
C MET A 326 -6.59 1.83 -35.19
N VAL A 327 -6.57 2.97 -35.87
CA VAL A 327 -7.59 4.00 -35.62
C VAL A 327 -8.98 3.43 -35.88
N GLU A 328 -9.16 2.77 -37.02
CA GLU A 328 -10.44 2.16 -37.32
C GLU A 328 -10.82 1.12 -36.27
N TYR A 329 -9.84 0.38 -35.73
CA TYR A 329 -10.13 -0.56 -34.67
C TYR A 329 -10.71 0.14 -33.44
N TYR A 330 -10.11 1.26 -33.03
CA TYR A 330 -10.62 2.01 -31.90
C TYR A 330 -12.00 2.57 -32.19
N VAL A 331 -12.21 3.09 -33.41
CA VAL A 331 -13.53 3.60 -33.78
C VAL A 331 -14.59 2.53 -33.60
N GLN A 332 -14.32 1.31 -34.08
CA GLN A 332 -15.29 0.23 -33.97
C GLN A 332 -15.42 -0.26 -32.52
N LEU A 333 -14.33 -0.28 -31.77
CA LEU A 333 -14.42 -0.67 -30.37
C LEU A 333 -15.32 0.29 -29.60
N VAL A 334 -15.19 1.59 -29.86
CA VAL A 334 -16.06 2.56 -29.21
C VAL A 334 -17.50 2.40 -29.69
N ASN A 335 -17.71 2.08 -30.98
CA ASN A 335 -19.06 1.78 -31.45
C ASN A 335 -19.66 0.63 -30.68
N ARG A 336 -18.87 -0.43 -30.45
CA ARG A 336 -19.40 -1.57 -29.72
C ARG A 336 -19.52 -1.28 -28.24
N HIS A 337 -18.70 -0.36 -27.72
CA HIS A 337 -18.65 -0.05 -26.29
C HIS A 337 -18.65 1.46 -26.12
N PRO A 338 -19.82 2.09 -26.31
CA PRO A 338 -19.89 3.56 -26.34
C PRO A 338 -19.62 4.22 -24.99
N ALA A 339 -19.52 3.45 -23.91
CA ALA A 339 -19.10 3.99 -22.63
C ALA A 339 -17.60 4.27 -22.58
N ILE A 340 -16.83 3.85 -23.59
CA ILE A 340 -15.41 4.23 -23.66
C ILE A 340 -15.32 5.72 -23.94
N ILE A 341 -14.73 6.47 -23.01
CA ILE A 341 -14.63 7.92 -23.15
C ILE A 341 -13.19 8.41 -23.15
N SER A 342 -12.21 7.51 -23.08
CA SER A 342 -10.82 7.93 -23.06
C SER A 342 -9.95 6.78 -23.55
N ILE A 343 -8.94 7.11 -24.34
CA ILE A 343 -7.95 6.14 -24.82
C ILE A 343 -6.58 6.75 -24.64
N GLU A 344 -5.71 6.09 -23.89
CA GLU A 344 -4.37 6.58 -23.60
C GLU A 344 -3.35 5.79 -24.41
N ASP A 345 -2.38 6.51 -24.99
CA ASP A 345 -1.32 5.90 -25.79
C ASP A 345 -1.85 4.87 -26.79
N GLY A 346 -2.92 5.23 -27.49
CA GLY A 346 -3.50 4.32 -28.47
C GLY A 346 -2.59 4.02 -29.65
N LEU A 347 -1.66 4.93 -29.97
CA LEU A 347 -0.68 4.71 -31.02
C LEU A 347 0.70 4.96 -30.43
N GLU A 348 1.72 4.49 -31.15
CA GLU A 348 3.09 4.46 -30.65
C GLU A 348 3.61 5.88 -30.39
N GLU A 349 4.60 5.98 -29.50
CA GLU A 349 5.01 7.25 -28.94
C GLU A 349 5.51 8.26 -29.97
N LYS A 350 5.98 7.81 -31.16
CA LYS A 350 6.41 8.75 -32.20
C LYS A 350 5.65 8.55 -33.52
N ASP A 351 4.47 7.93 -33.47
CA ASP A 351 3.62 7.75 -34.66
C ASP A 351 2.70 8.96 -34.82
N TYR A 352 3.34 10.11 -35.08
CA TYR A 352 2.63 11.38 -35.05
C TYR A 352 1.54 11.47 -36.12
N GLU A 353 1.79 10.89 -37.30
CA GLU A 353 0.74 10.85 -38.31
C GLU A 353 -0.44 9.99 -37.85
N GLY A 354 -0.16 8.89 -37.16
CA GLY A 354 -1.24 8.11 -36.59
C GLY A 354 -2.04 8.89 -35.57
N TRP A 355 -1.35 9.54 -34.61
CA TRP A 355 -2.03 10.31 -33.58
C TRP A 355 -2.88 11.42 -34.19
N LYS A 356 -2.35 12.15 -35.18
CA LYS A 356 -3.15 13.21 -35.81
C LYS A 356 -4.47 12.64 -36.30
N LEU A 357 -4.43 11.50 -36.97
CA LEU A 357 -5.65 10.89 -37.51
C LEU A 357 -6.56 10.39 -36.39
N LEU A 358 -5.98 9.72 -35.38
CA LEU A 358 -6.79 9.25 -34.27
C LEU A 358 -7.54 10.41 -33.63
N THR A 359 -6.85 11.53 -33.41
CA THR A 359 -7.48 12.68 -32.81
C THR A 359 -8.46 13.34 -33.77
N GLU A 360 -8.15 13.34 -35.07
CA GLU A 360 -9.12 13.79 -36.07
C GLU A 360 -10.42 13.01 -35.97
N ARG A 361 -10.33 11.70 -35.85
CA ARG A 361 -11.54 10.87 -35.98
C ARG A 361 -12.30 10.72 -34.68
N LEU A 362 -11.63 10.73 -33.52
CA LEU A 362 -12.27 10.49 -32.24
C LEU A 362 -12.14 11.65 -31.26
N GLY A 363 -11.34 12.67 -31.57
CA GLY A 363 -11.02 13.67 -30.56
C GLY A 363 -12.23 14.45 -30.07
N SER A 364 -13.24 14.58 -30.92
CA SER A 364 -14.44 15.29 -30.50
C SER A 364 -15.30 14.46 -29.56
N LYS A 365 -15.10 13.15 -29.53
CA LYS A 365 -15.93 12.27 -28.72
C LYS A 365 -15.26 11.82 -27.44
N ILE A 366 -13.94 11.63 -27.45
CA ILE A 366 -13.26 11.02 -26.32
C ILE A 366 -11.97 11.75 -26.03
N MET A 367 -11.46 11.54 -24.83
CA MET A 367 -10.11 11.99 -24.48
C MET A 367 -9.09 11.12 -25.17
N LEU A 368 -8.09 11.75 -25.79
CA LEU A 368 -6.94 11.05 -26.35
C LEU A 368 -5.73 11.50 -25.56
N VAL A 369 -5.21 10.59 -24.72
CA VAL A 369 -4.27 10.93 -23.65
C VAL A 369 -2.87 10.57 -24.11
N GLY A 370 -1.98 11.56 -24.16
CA GLY A 370 -0.59 11.25 -24.42
C GLY A 370 0.14 10.93 -23.13
N ASP A 371 0.69 9.71 -23.04
CA ASP A 371 1.56 9.38 -21.92
C ASP A 371 2.98 9.25 -22.43
N ASP A 372 3.32 8.08 -23.02
CA ASP A 372 4.60 7.96 -23.71
C ASP A 372 4.74 8.99 -24.82
N LEU A 373 3.62 9.43 -25.40
CA LEU A 373 3.65 10.47 -26.43
C LEU A 373 4.40 11.72 -25.95
N TYR A 374 4.22 12.07 -24.68
CA TYR A 374 4.73 13.32 -24.14
C TYR A 374 5.82 13.14 -23.09
N THR A 375 5.82 12.02 -22.34
CA THR A 375 6.66 11.80 -21.17
C THR A 375 6.86 13.09 -20.36
N THR A 376 5.76 13.79 -20.11
CA THR A 376 5.75 15.02 -19.32
C THR A 376 6.90 15.95 -19.70
N ASN A 377 7.04 16.17 -21.01
CA ASN A 377 8.15 16.92 -21.56
C ASN A 377 7.59 18.13 -22.31
N THR A 378 7.97 19.34 -21.88
CA THR A 378 7.34 20.55 -22.41
C THR A 378 7.65 20.75 -23.88
N ARG A 379 8.83 20.33 -24.34
CA ARG A 379 9.12 20.41 -25.77
C ARG A 379 8.12 19.59 -26.57
N LEU A 380 7.85 18.36 -26.11
CA LEU A 380 6.92 17.50 -26.84
C LEU A 380 5.48 18.01 -26.72
N ILE A 381 5.12 18.51 -25.53
CA ILE A 381 3.77 19.03 -25.30
C ILE A 381 3.50 20.21 -26.22
N LYS A 382 4.44 21.15 -26.31
CA LYS A 382 4.28 22.26 -27.25
C LYS A 382 4.07 21.76 -28.67
N GLN A 383 4.86 20.79 -29.10
CA GLN A 383 4.73 20.30 -30.48
C GLN A 383 3.40 19.60 -30.68
N GLY A 384 2.97 18.82 -29.68
CA GLY A 384 1.73 18.07 -29.81
C GLY A 384 0.50 18.97 -29.83
N ILE A 385 0.51 20.03 -29.03
CA ILE A 385 -0.57 21.02 -29.09
C ILE A 385 -0.61 21.67 -30.47
N GLU A 386 0.55 22.11 -30.98
CA GLU A 386 0.59 22.75 -32.29
CA GLU A 386 0.59 22.76 -32.29
C GLU A 386 0.15 21.80 -33.39
N GLU A 387 0.57 20.55 -33.34
CA GLU A 387 0.29 19.62 -34.43
C GLU A 387 -0.99 18.83 -34.21
N LYS A 388 -1.65 19.01 -33.06
CA LYS A 388 -2.93 18.34 -32.75
C LYS A 388 -2.77 16.82 -32.67
N TRP A 389 -1.71 16.36 -32.00
CA TRP A 389 -1.50 14.93 -31.81
C TRP A 389 -2.59 14.31 -30.93
N ALA A 390 -3.08 15.04 -29.94
CA ALA A 390 -3.93 14.49 -28.89
C ALA A 390 -4.66 15.62 -28.19
N ASN A 391 -5.44 15.28 -27.15
CA ASN A 391 -6.16 16.35 -26.44
C ASN A 391 -6.07 16.22 -24.92
N ALA A 392 -5.15 15.44 -24.40
CA ALA A 392 -4.95 15.35 -22.96
C ALA A 392 -3.54 14.86 -22.69
N LEU A 393 -3.06 15.15 -21.47
CA LEU A 393 -1.72 14.82 -21.00
C LEU A 393 -1.82 13.97 -19.76
N LEU A 394 -1.07 12.87 -19.71
CA LEU A 394 -0.84 12.14 -18.47
C LEU A 394 0.40 12.73 -17.79
N LEU A 395 0.22 13.34 -16.63
CA LEU A 395 1.26 14.14 -16.00
C LEU A 395 1.95 13.30 -14.93
N LYS A 396 3.23 12.99 -15.11
CA LYS A 396 4.00 12.25 -14.11
C LYS A 396 5.10 13.18 -13.61
N VAL A 397 4.94 13.71 -12.40
CA VAL A 397 5.93 14.69 -11.91
C VAL A 397 7.35 14.16 -12.02
N ASN A 398 7.56 12.87 -11.68
CA ASN A 398 8.93 12.38 -11.62
C ASN A 398 9.52 12.15 -13.01
N GLN A 399 8.71 12.16 -14.07
CA GLN A 399 9.27 12.15 -15.42
C GLN A 399 9.96 13.45 -15.76
N ILE A 400 9.50 14.57 -15.19
CA ILE A 400 10.11 15.84 -15.53
C ILE A 400 11.06 16.28 -14.41
N GLY A 401 10.77 15.88 -13.18
CA GLY A 401 11.67 16.23 -12.09
C GLY A 401 10.99 16.89 -10.90
N THR A 402 10.84 18.22 -10.91
CA THR A 402 10.25 18.93 -9.78
C THR A 402 8.77 19.18 -9.99
N ILE A 403 8.09 19.51 -8.88
CA ILE A 403 6.69 19.88 -8.93
C ILE A 403 6.49 21.12 -9.81
N THR A 404 7.35 22.13 -9.63
CA THR A 404 7.25 23.37 -10.40
C THR A 404 7.36 23.09 -11.90
N GLU A 405 8.31 22.25 -12.30
CA GLU A 405 8.41 21.89 -13.73
C GLU A 405 7.15 21.21 -14.20
N ALA A 406 6.59 20.33 -13.37
CA ALA A 406 5.37 19.65 -13.74
C ALA A 406 4.20 20.61 -13.85
N MET A 407 4.16 21.64 -12.99
CA MET A 407 3.09 22.63 -13.09
C MET A 407 3.16 23.40 -14.39
N ASN A 408 4.37 23.75 -14.86
CA ASN A 408 4.47 24.45 -16.13
C ASN A 408 3.91 23.60 -17.27
N ALA A 409 4.19 22.29 -17.24
CA ALA A 409 3.65 21.39 -18.25
C ALA A 409 2.11 21.38 -18.23
N ALA A 410 1.54 21.27 -17.04
CA ALA A 410 0.09 21.28 -16.90
C ALA A 410 -0.51 22.60 -17.40
N ARG A 411 0.18 23.71 -17.15
CA ARG A 411 -0.30 25.03 -17.58
CA ARG A 411 -0.34 25.00 -17.58
C ARG A 411 -0.46 25.08 -19.09
N MET A 412 0.50 24.50 -19.83
CA MET A 412 0.44 24.53 -21.28
C MET A 412 -0.82 23.86 -21.80
N ILE A 413 -1.19 22.76 -21.15
CA ILE A 413 -2.38 22.00 -21.50
C ILE A 413 -3.63 22.78 -21.09
N PHE A 414 -3.69 23.23 -19.84
CA PHE A 414 -4.81 24.06 -19.40
C PHE A 414 -5.02 25.25 -20.33
N ASN A 415 -3.91 25.87 -20.78
CA ASN A 415 -4.01 27.09 -21.56
C ASN A 415 -4.72 26.90 -22.90
N VAL A 416 -4.80 25.67 -23.41
CA VAL A 416 -5.47 25.45 -24.68
C VAL A 416 -6.75 24.64 -24.48
N GLY A 417 -7.25 24.58 -23.24
CA GLY A 417 -8.49 23.91 -22.96
C GLY A 417 -8.42 22.40 -23.01
N GLN A 418 -7.22 21.81 -22.92
CA GLN A 418 -7.09 20.37 -22.88
C GLN A 418 -6.99 19.90 -21.43
N LYS A 419 -6.99 18.58 -21.23
CA LYS A 419 -7.14 17.99 -19.90
C LYS A 419 -5.83 17.46 -19.36
N VAL A 420 -5.64 17.60 -18.06
CA VAL A 420 -4.50 17.05 -17.33
C VAL A 420 -5.01 15.90 -16.45
N ILE A 421 -4.37 14.74 -16.57
CA ILE A 421 -4.61 13.60 -15.70
C ILE A 421 -3.33 13.40 -14.89
N VAL A 422 -3.40 13.67 -13.59
CA VAL A 422 -2.25 13.46 -12.69
C VAL A 422 -2.10 11.98 -12.43
N SER A 423 -0.90 11.45 -12.61
CA SER A 423 -0.72 10.01 -12.69
C SER A 423 0.19 9.49 -11.58
N HIS A 424 -0.11 8.27 -11.14
CA HIS A 424 0.82 7.45 -10.36
C HIS A 424 1.93 6.89 -11.26
N ARG A 425 2.90 6.23 -10.64
CA ARG A 425 3.80 5.33 -11.33
C ARG A 425 3.58 3.90 -10.85
N SER A 426 4.11 2.95 -11.62
CA SER A 426 3.91 1.55 -11.24
CA SER A 426 3.96 1.53 -11.27
C SER A 426 4.58 1.21 -9.92
N GLY A 427 5.69 1.86 -9.58
CA GLY A 427 6.24 1.75 -8.25
C GLY A 427 5.87 3.01 -7.47
N GLU A 428 4.98 2.88 -6.49
CA GLU A 428 4.51 4.04 -5.75
C GLU A 428 4.99 3.96 -4.31
N THR A 429 4.76 5.02 -3.55
CA THR A 429 5.20 5.04 -2.18
C THR A 429 4.01 5.42 -1.31
N ALA A 430 4.27 5.58 -0.01
CA ALA A 430 3.23 6.07 0.89
C ALA A 430 2.92 7.57 0.70
N THR A 431 3.72 8.32 -0.04
CA THR A 431 3.44 9.74 -0.25
C THR A 431 2.14 9.92 -1.04
N THR A 432 1.20 10.69 -0.49
CA THR A 432 -0.06 10.96 -1.18
C THR A 432 -0.10 12.35 -1.84
N LEU A 433 1.06 12.95 -2.09
CA LEU A 433 1.13 14.28 -2.66
C LEU A 433 0.34 14.44 -3.95
N ILE A 434 0.32 13.43 -4.84
CA ILE A 434 -0.40 13.66 -6.10
C ILE A 434 -1.89 13.89 -5.86
N SER A 435 -2.43 13.45 -4.74
CA SER A 435 -3.82 13.76 -4.44
C SER A 435 -3.97 15.24 -4.15
N ASP A 436 -3.07 15.78 -3.33
CA ASP A 436 -3.12 17.22 -3.09
C ASP A 436 -2.78 17.99 -4.34
N LEU A 437 -1.92 17.44 -5.20
CA LEU A 437 -1.52 18.16 -6.42
C LEU A 437 -2.69 18.27 -7.40
N VAL A 438 -3.41 17.16 -7.63
CA VAL A 438 -4.49 17.19 -8.62
C VAL A 438 -5.55 18.21 -8.22
N VAL A 439 -5.89 18.28 -6.93
CA VAL A 439 -6.85 19.28 -6.45
C VAL A 439 -6.23 20.68 -6.50
N GLY A 440 -4.99 20.78 -6.04
CA GLY A 440 -4.33 22.08 -5.99
C GLY A 440 -4.17 22.76 -7.34
N ILE A 441 -3.89 21.99 -8.40
CA ILE A 441 -3.79 22.61 -9.71
C ILE A 441 -5.11 22.56 -10.48
N GLY A 442 -6.16 21.98 -9.91
CA GLY A 442 -7.44 21.99 -10.60
C GLY A 442 -7.54 21.06 -11.81
N ALA A 443 -6.72 20.02 -11.87
CA ALA A 443 -6.85 19.06 -12.96
C ALA A 443 -8.11 18.20 -12.76
N THR A 444 -8.68 17.74 -13.88
CA THR A 444 -10.00 17.08 -13.82
C THR A 444 -9.92 15.59 -13.50
N HIS A 445 -8.74 14.98 -13.61
CA HIS A 445 -8.67 13.53 -13.55
C HIS A 445 -7.44 13.12 -12.78
N ILE A 446 -7.55 12.01 -12.05
CA ILE A 446 -6.40 11.37 -11.46
C ILE A 446 -6.40 9.91 -11.93
N LYS A 447 -5.20 9.36 -12.12
CA LYS A 447 -5.04 7.95 -12.46
C LYS A 447 -4.09 7.37 -11.43
N THR A 448 -4.61 6.65 -10.44
CA THR A 448 -3.73 6.25 -9.35
C THR A 448 -4.03 4.82 -8.88
N GLY A 449 -4.59 3.98 -9.76
CA GLY A 449 -4.64 2.54 -9.54
C GLY A 449 -6.04 2.04 -9.19
N ALA A 450 -6.10 0.72 -8.98
CA ALA A 450 -7.32 0.08 -8.51
C ALA A 450 -7.63 0.54 -7.10
N THR A 451 -8.81 0.15 -6.59
CA THR A 451 -9.13 0.38 -5.20
C THR A 451 -8.58 -0.76 -4.34
N ALA A 452 -7.30 -1.10 -4.53
CA ALA A 452 -6.65 -2.09 -3.70
C ALA A 452 -5.15 -1.82 -3.77
N ARG A 453 -4.44 -2.31 -2.72
CA ARG A 453 -3.03 -2.04 -2.46
C ARG A 453 -2.87 -0.66 -1.81
N GLY A 454 -2.11 -0.61 -0.71
CA GLY A 454 -2.04 0.59 0.11
C GLY A 454 -1.55 1.81 -0.63
N GLU A 455 -0.63 1.65 -1.58
CA GLU A 455 -0.06 2.80 -2.27
C GLU A 455 -1.02 3.36 -3.32
N ARG A 456 -2.12 2.66 -3.60
CA ARG A 456 -3.20 3.18 -4.44
C ARG A 456 -4.34 3.71 -3.60
N VAL A 457 -4.85 2.91 -2.64
CA VAL A 457 -6.03 3.38 -1.91
C VAL A 457 -5.69 4.59 -1.06
N SER A 458 -4.44 4.73 -0.59
CA SER A 458 -4.11 5.92 0.21
CA SER A 458 -4.13 5.91 0.22
C SER A 458 -4.34 7.22 -0.55
N LYS A 459 -4.14 7.22 -1.88
CA LYS A 459 -4.46 8.41 -2.67
C LYS A 459 -5.97 8.67 -2.70
N TYR A 460 -6.79 7.63 -2.88
CA TYR A 460 -8.25 7.85 -2.79
C TYR A 460 -8.63 8.34 -1.40
N ASN A 461 -8.03 7.77 -0.35
CA ASN A 461 -8.39 8.19 1.00
C ASN A 461 -7.99 9.63 1.25
N ARG A 462 -6.84 10.06 0.72
CA ARG A 462 -6.44 11.45 0.91
C ARG A 462 -7.43 12.40 0.23
N LEU A 463 -7.95 12.02 -0.95
CA LEU A 463 -8.98 12.82 -1.61
C LEU A 463 -10.29 12.82 -0.81
N LEU A 464 -10.63 11.69 -0.17
CA LEU A 464 -11.79 11.71 0.72
C LEU A 464 -11.60 12.73 1.84
N GLN A 465 -10.40 12.79 2.43
CA GLN A 465 -10.12 13.79 3.46
C GLN A 465 -10.25 15.21 2.88
N ILE A 466 -9.65 15.43 1.72
CA ILE A 466 -9.72 16.75 1.11
C ILE A 466 -11.15 17.16 0.86
N GLU A 467 -11.99 16.25 0.35
CA GLU A 467 -13.38 16.57 0.12
C GLU A 467 -14.06 17.04 1.40
N GLU A 468 -13.82 16.35 2.51
CA GLU A 468 -14.39 16.77 3.79
C GLU A 468 -13.88 18.15 4.18
N TYR A 469 -12.58 18.38 4.04
CA TYR A 469 -12.04 19.68 4.37
C TYR A 469 -12.71 20.77 3.53
N LEU A 470 -12.83 20.53 2.22
CA LEU A 470 -13.46 21.54 1.36
C LEU A 470 -14.90 21.79 1.76
N GLU A 471 -15.64 20.72 2.08
CA GLU A 471 -17.03 20.90 2.48
C GLU A 471 -17.12 21.71 3.77
N GLN A 472 -16.27 21.37 4.75
CA GLN A 472 -16.32 22.02 6.06
CA GLN A 472 -16.31 22.02 6.06
C GLN A 472 -16.01 23.50 5.95
N HIS A 473 -15.08 23.88 5.08
CA HIS A 473 -14.66 25.26 4.97
C HIS A 473 -15.32 26.01 3.83
N GLY A 474 -16.29 25.42 3.16
CA GLY A 474 -17.00 26.13 2.12
C GLY A 474 -16.14 26.47 0.91
N LEU A 475 -15.18 25.61 0.59
CA LEU A 475 -14.25 25.81 -0.51
C LEU A 475 -14.58 24.96 -1.73
N LEU A 476 -15.66 24.19 -1.66
CA LEU A 476 -16.00 23.23 -2.71
C LEU A 476 -16.72 23.96 -3.83
N ALA A 477 -16.13 23.97 -5.02
CA ALA A 477 -16.66 24.80 -6.12
C ALA A 477 -18.03 24.37 -6.67
N VAL B 44 -3.39 21.11 29.12
CA VAL B 44 -2.47 20.88 27.99
C VAL B 44 -2.51 19.40 27.56
N ASN B 45 -2.42 19.18 26.25
CA ASN B 45 -2.42 17.84 25.65
C ASN B 45 -3.69 17.07 26.02
N ARG B 46 -4.83 17.76 25.97
CA ARG B 46 -6.12 17.12 26.21
C ARG B 46 -6.91 17.02 24.91
N VAL B 47 -7.69 15.94 24.80
CA VAL B 47 -8.44 15.68 23.58
C VAL B 47 -9.58 16.68 23.46
N ASP B 48 -9.67 17.34 22.29
CA ASP B 48 -10.79 18.23 22.04
C ASP B 48 -11.96 17.47 21.44
N LYS B 49 -11.69 16.63 20.45
CA LYS B 49 -12.74 15.84 19.83
C LYS B 49 -12.10 14.79 18.94
N LEU B 50 -12.92 13.80 18.56
CA LEU B 50 -12.56 12.78 17.59
C LEU B 50 -13.50 12.89 16.41
N VAL B 51 -12.99 12.72 15.19
CA VAL B 51 -13.84 12.69 14.01
C VAL B 51 -13.54 11.39 13.27
N GLY B 52 -14.59 10.60 13.03
CA GLY B 52 -14.44 9.34 12.33
C GLY B 52 -14.75 9.49 10.85
N ARG B 53 -14.22 8.56 10.05
CA ARG B 53 -14.30 8.64 8.60
C ARG B 53 -14.30 7.22 8.06
N GLU B 54 -15.14 6.96 7.07
CA GLU B 54 -15.05 5.72 6.30
C GLU B 54 -13.98 5.88 5.19
N ILE B 55 -12.94 5.03 5.20
CA ILE B 55 -11.91 5.00 4.19
C ILE B 55 -11.83 3.59 3.62
N LEU B 56 -11.00 3.40 2.61
CA LEU B 56 -10.74 2.07 2.07
C LEU B 56 -9.50 1.47 2.71
N ASP B 57 -9.58 0.18 3.04
CA ASP B 57 -8.38 -0.55 3.45
C ASP B 57 -7.66 -1.06 2.20
N SER B 58 -6.54 -1.76 2.42
CA SER B 58 -5.69 -2.20 1.32
C SER B 58 -6.32 -3.28 0.43
N ARG B 59 -7.46 -3.83 0.81
CA ARG B 59 -8.19 -4.73 -0.08
C ARG B 59 -9.36 -4.05 -0.77
N GLY B 60 -9.58 -2.76 -0.52
CA GLY B 60 -10.73 -2.10 -1.12
C GLY B 60 -12.02 -2.18 -0.31
N ASN B 61 -11.97 -2.59 0.91
CA ASN B 61 -13.13 -2.65 1.78
C ASN B 61 -13.10 -1.50 2.78
N PRO B 62 -14.26 -1.01 3.20
CA PRO B 62 -14.30 0.11 4.13
C PRO B 62 -13.66 -0.23 5.48
N THR B 63 -13.04 0.77 6.07
CA THR B 63 -12.62 0.66 7.46
C THR B 63 -12.70 2.04 8.07
N VAL B 64 -12.47 2.10 9.38
CA VAL B 64 -12.68 3.29 10.18
C VAL B 64 -11.34 4.03 10.31
N GLU B 65 -11.34 5.32 9.98
CA GLU B 65 -10.23 6.21 10.25
C GLU B 65 -10.66 7.29 11.23
N VAL B 66 -9.75 7.69 12.14
CA VAL B 66 -10.10 8.65 13.19
C VAL B 66 -9.09 9.79 13.17
N ASP B 67 -9.60 11.02 13.16
CA ASP B 67 -8.81 12.22 13.39
C ASP B 67 -8.91 12.59 14.86
N VAL B 68 -7.79 12.90 15.49
CA VAL B 68 -7.79 13.42 16.86
C VAL B 68 -7.51 14.91 16.82
N TYR B 69 -8.37 15.70 17.46
CA TYR B 69 -8.16 17.13 17.68
C TYR B 69 -7.74 17.36 19.13
N ALA B 70 -6.79 18.25 19.34
CA ALA B 70 -6.28 18.49 20.70
C ALA B 70 -5.70 19.89 20.80
N ASN B 71 -5.61 20.37 22.04
CA ASN B 71 -4.87 21.59 22.36
C ASN B 71 -5.44 22.81 21.65
N GLY B 72 -6.74 22.80 21.32
CA GLY B 72 -7.32 23.94 20.65
C GLY B 72 -6.87 24.14 19.22
N GLN B 73 -6.10 23.21 18.64
CA GLN B 73 -5.62 23.38 17.28
C GLN B 73 -6.75 23.10 16.30
N LYS B 74 -6.77 23.87 15.20
CA LYS B 74 -7.89 23.81 14.24
C LYS B 74 -7.77 22.62 13.29
N ARG B 75 -6.57 22.07 13.10
CA ARG B 75 -6.36 20.89 12.27
C ARG B 75 -6.00 19.69 13.14
N PRO B 76 -6.37 18.47 12.74
CA PRO B 76 -6.12 17.31 13.60
C PRO B 76 -4.64 17.17 13.90
N VAL B 77 -4.32 16.72 15.12
CA VAL B 77 -2.93 16.46 15.45
C VAL B 77 -2.52 15.06 15.08
N ALA B 78 -3.46 14.18 14.77
CA ALA B 78 -3.10 12.83 14.34
C ALA B 78 -4.29 12.20 13.64
N THR B 79 -3.98 11.24 12.79
CA THR B 79 -4.97 10.44 12.08
C THR B 79 -4.48 8.99 12.04
N ALA B 80 -5.35 8.03 12.39
CA ALA B 80 -4.98 6.64 12.16
C ALA B 80 -6.24 5.83 11.90
N SER B 81 -6.06 4.60 11.45
CA SER B 81 -7.20 3.78 11.06
C SER B 81 -6.99 2.34 11.48
N ALA B 82 -8.11 1.60 11.58
CA ALA B 82 -8.11 0.19 11.98
C ALA B 82 -7.91 -0.72 10.79
N PRO B 83 -7.13 -1.78 10.96
CA PRO B 83 -7.03 -2.81 9.93
C PRO B 83 -8.26 -3.72 9.98
N SER B 84 -8.36 -4.59 8.98
CA SER B 84 -9.55 -5.42 8.84
C SER B 84 -9.65 -6.36 10.03
N GLY B 85 -10.88 -6.83 10.30
CA GLY B 85 -11.10 -7.78 11.38
C GLY B 85 -12.10 -8.87 11.03
N ALA B 86 -12.84 -9.34 12.03
CA ALA B 86 -13.84 -10.37 11.87
C ALA B 86 -15.13 -9.94 12.55
N SER B 87 -16.25 -10.53 12.13
CA SER B 87 -17.55 -10.28 12.74
C SER B 87 -18.10 -11.53 13.42
N THR B 88 -17.30 -12.60 13.48
CA THR B 88 -17.61 -13.80 14.24
C THR B 88 -16.38 -14.19 15.03
N GLY B 89 -16.45 -15.33 15.70
CA GLY B 89 -15.43 -15.70 16.65
C GLY B 89 -15.86 -15.28 18.03
N SER B 90 -16.19 -16.25 18.87
CA SER B 90 -16.65 -15.96 20.22
C SER B 90 -15.56 -15.40 21.12
N ASN B 91 -14.32 -15.28 20.63
CA ASN B 91 -13.19 -14.94 21.48
C ASN B 91 -12.41 -13.74 20.96
N GLU B 92 -12.97 -12.97 20.04
CA GLU B 92 -12.27 -11.81 19.50
C GLU B 92 -13.25 -10.68 19.29
N ALA B 93 -12.70 -9.50 19.12
CA ALA B 93 -13.53 -8.33 18.91
C ALA B 93 -14.28 -8.43 17.60
N HIS B 94 -15.54 -7.99 17.61
CA HIS B 94 -16.36 -7.99 16.41
CA HIS B 94 -16.40 -7.98 16.44
C HIS B 94 -16.32 -6.61 15.78
N GLU B 95 -15.97 -6.57 14.48
CA GLU B 95 -16.05 -5.29 13.77
C GLU B 95 -17.51 -5.04 13.41
N LEU B 96 -17.93 -3.77 13.48
CA LEU B 96 -19.31 -3.41 13.20
C LEU B 96 -19.40 -3.03 11.73
N ARG B 97 -20.18 -3.78 10.96
CA ARG B 97 -20.42 -3.50 9.54
C ARG B 97 -21.89 -3.14 9.37
N ASP B 98 -22.18 -2.30 8.36
CA ASP B 98 -23.54 -1.78 8.24
C ASP B 98 -24.51 -2.84 7.74
N GLY B 99 -24.06 -3.79 6.94
CA GLY B 99 -24.98 -4.74 6.33
C GLY B 99 -25.93 -4.16 5.30
N ASP B 100 -25.63 -2.99 4.75
CA ASP B 100 -26.48 -2.40 3.71
C ASP B 100 -25.98 -2.94 2.38
N LYS B 101 -26.76 -3.81 1.73
CA LYS B 101 -26.26 -4.43 0.49
C LYS B 101 -26.03 -3.41 -0.62
N SER B 102 -26.67 -2.23 -0.53
CA SER B 102 -26.52 -1.20 -1.56
CA SER B 102 -26.53 -1.19 -1.55
C SER B 102 -25.24 -0.39 -1.42
N ARG B 103 -24.45 -0.58 -0.35
CA ARG B 103 -23.19 0.13 -0.18
C ARG B 103 -22.08 -0.87 0.13
N TYR B 104 -21.04 -0.87 -0.69
CA TYR B 104 -19.85 -1.68 -0.39
C TYR B 104 -20.19 -3.14 -0.13
N LEU B 105 -21.24 -3.64 -0.78
CA LEU B 105 -21.63 -5.05 -0.65
C LEU B 105 -21.91 -5.39 0.82
N GLY B 106 -22.51 -4.45 1.54
CA GLY B 106 -22.87 -4.66 2.94
C GLY B 106 -21.75 -4.43 3.91
N LYS B 107 -20.60 -3.97 3.46
CA LYS B 107 -19.43 -3.83 4.34
C LYS B 107 -19.13 -2.39 4.73
N GLY B 108 -20.08 -1.46 4.55
CA GLY B 108 -19.87 -0.09 5.01
C GLY B 108 -19.62 -0.02 6.51
N VAL B 109 -18.97 1.06 6.94
CA VAL B 109 -18.73 1.23 8.38
C VAL B 109 -19.27 2.58 8.85
N LEU B 110 -20.38 3.02 8.26
CA LEU B 110 -21.03 4.26 8.69
C LEU B 110 -21.49 4.19 10.14
N LYS B 111 -22.01 3.03 10.56
CA LYS B 111 -22.48 2.94 11.95
C LYS B 111 -21.32 3.06 12.93
N ALA B 112 -20.20 2.40 12.62
CA ALA B 112 -19.03 2.49 13.47
C ALA B 112 -18.46 3.90 13.50
N VAL B 113 -18.45 4.56 12.32
CA VAL B 113 -18.01 5.95 12.25
C VAL B 113 -18.91 6.84 13.10
N LYS B 114 -20.23 6.64 13.00
CA LYS B 114 -21.12 7.41 13.85
C LYS B 114 -20.80 7.17 15.32
N ASN B 115 -20.42 5.92 15.68
CA ASN B 115 -20.10 5.66 17.09
C ASN B 115 -18.83 6.40 17.54
N VAL B 116 -17.85 6.59 16.64
CA VAL B 116 -16.73 7.48 16.94
C VAL B 116 -17.23 8.90 17.23
N ASN B 117 -18.03 9.45 16.30
CA ASN B 117 -18.42 10.85 16.40
C ASN B 117 -19.31 11.11 17.60
N ASP B 118 -20.18 10.15 17.94
CA ASP B 118 -21.25 10.44 18.89
C ASP B 118 -20.99 9.86 20.28
N VAL B 119 -20.16 8.83 20.42
CA VAL B 119 -20.05 8.13 21.70
C VAL B 119 -18.58 8.09 22.12
N LEU B 120 -17.73 7.49 21.30
CA LEU B 120 -16.34 7.29 21.68
C LEU B 120 -15.59 8.62 21.82
N GLY B 121 -15.81 9.56 20.90
CA GLY B 121 -15.20 10.87 21.05
C GLY B 121 -15.62 11.56 22.33
N LYS B 122 -16.93 11.55 22.61
CA LYS B 122 -17.41 12.15 23.84
C LYS B 122 -16.80 11.47 25.06
N ALA B 123 -16.50 10.18 24.97
CA ALA B 123 -15.92 9.46 26.10
C ALA B 123 -14.48 9.90 26.40
N VAL B 124 -13.74 10.42 25.42
CA VAL B 124 -12.36 10.82 25.68
C VAL B 124 -12.18 12.33 25.69
N GLU B 125 -13.23 13.11 25.38
CA GLU B 125 -13.07 14.56 25.40
C GLU B 125 -12.60 15.04 26.76
N GLY B 126 -11.65 15.96 26.76
CA GLY B 126 -11.13 16.50 28.00
C GLY B 126 -10.05 15.67 28.65
N LYS B 127 -9.82 14.44 28.20
CA LYS B 127 -8.86 13.56 28.84
C LYS B 127 -7.45 13.83 28.30
N SER B 128 -6.47 13.60 29.16
CA SER B 128 -5.08 13.85 28.79
C SER B 128 -4.60 12.84 27.74
N LEU B 129 -3.88 13.35 26.74
CA LEU B 129 -3.27 12.46 25.76
C LEU B 129 -2.03 11.77 26.30
N GLU B 130 -1.60 12.08 27.51
CA GLU B 130 -0.35 11.53 28.00
C GLU B 130 -0.52 10.17 28.65
N ASN B 131 -1.75 9.77 29.00
CA ASN B 131 -2.01 8.52 29.71
C ASN B 131 -2.83 7.61 28.80
N LEU B 132 -2.14 6.69 28.11
CA LEU B 132 -2.81 5.82 27.16
C LEU B 132 -3.74 4.83 27.83
N THR B 133 -3.34 4.29 28.98
CA THR B 133 -4.19 3.33 29.67
C THR B 133 -5.57 3.92 29.97
N GLU B 134 -5.61 5.16 30.47
CA GLU B 134 -6.90 5.78 30.79
C GLU B 134 -7.71 6.09 29.54
N LEU B 135 -7.04 6.42 28.44
CA LEU B 135 -7.78 6.64 27.21
C LEU B 135 -8.40 5.34 26.72
N ASP B 136 -7.61 4.27 26.66
CA ASP B 136 -8.13 2.97 26.22
C ASP B 136 -9.25 2.49 27.16
N GLN B 137 -9.09 2.68 28.47
CA GLN B 137 -10.14 2.26 29.39
C GLN B 137 -11.44 3.00 29.13
N ALA B 138 -11.34 4.27 28.75
CA ALA B 138 -12.56 5.01 28.48
C ALA B 138 -13.27 4.47 27.24
N LEU B 139 -12.50 4.09 26.23
CA LEU B 139 -13.08 3.47 25.05
C LEU B 139 -13.74 2.16 25.40
N ILE B 140 -13.04 1.33 26.17
CA ILE B 140 -13.58 0.04 26.60
C ILE B 140 -14.87 0.23 27.39
N ASP B 141 -14.86 1.18 28.33
CA ASP B 141 -16.01 1.35 29.20
C ASP B 141 -17.21 1.84 28.42
N ALA B 142 -16.98 2.69 27.41
CA ALA B 142 -18.08 3.20 26.59
C ALA B 142 -18.75 2.08 25.82
N ASP B 143 -17.95 1.14 25.31
CA ASP B 143 -18.56 0.04 24.56
C ASP B 143 -19.19 -1.00 25.48
N GLY B 144 -18.51 -1.35 26.57
CA GLY B 144 -19.13 -2.18 27.60
C GLY B 144 -19.49 -3.58 27.16
N ASP B 145 -18.89 -4.10 26.09
CA ASP B 145 -19.27 -5.41 25.54
C ASP B 145 -18.03 -6.28 25.43
N GLU B 146 -18.17 -7.55 25.80
CA GLU B 146 -17.03 -8.47 25.81
C GLU B 146 -16.38 -8.57 24.42
N LEU B 147 -17.19 -8.53 23.37
CA LEU B 147 -16.68 -8.62 22.00
C LEU B 147 -16.62 -7.27 21.31
N LYS B 148 -16.67 -6.18 22.09
CA LYS B 148 -16.72 -4.84 21.55
C LYS B 148 -17.78 -4.71 20.46
N SER B 149 -18.87 -5.48 20.60
CA SER B 149 -19.89 -5.58 19.56
C SER B 149 -20.96 -4.52 19.68
N ASN B 150 -20.91 -3.68 20.73
CA ASN B 150 -21.83 -2.55 20.87
C ASN B 150 -21.41 -1.42 19.92
N LEU B 151 -20.24 -0.85 20.15
CA LEU B 151 -19.75 0.25 19.35
C LEU B 151 -18.92 -0.22 18.17
N GLY B 152 -18.40 -1.46 18.21
CA GLY B 152 -17.60 -1.96 17.11
C GLY B 152 -16.11 -1.98 17.41
N GLY B 153 -15.50 -3.15 17.32
CA GLY B 153 -14.06 -3.23 17.57
C GLY B 153 -13.27 -2.38 16.61
N ASN B 154 -13.78 -2.22 15.38
CA ASN B 154 -13.10 -1.39 14.40
C ASN B 154 -13.11 0.08 14.83
N ALA B 155 -14.22 0.56 15.39
CA ALA B 155 -14.25 1.89 16.00
C ALA B 155 -13.26 1.98 17.16
N ILE B 156 -13.26 0.98 18.04
CA ILE B 156 -12.42 1.07 19.24
CA ILE B 156 -12.41 1.02 19.25
C ILE B 156 -10.93 1.05 18.86
N THR B 157 -10.53 0.13 17.99
CA THR B 157 -9.12 0.05 17.59
C THR B 157 -8.68 1.31 16.85
N ALA B 158 -9.52 1.81 15.94
CA ALA B 158 -9.14 3.04 15.25
C ALA B 158 -8.94 4.16 16.25
N CYS B 159 -9.81 4.26 17.27
CA CYS B 159 -9.62 5.32 18.25
C CYS B 159 -8.35 5.11 19.06
N SER B 160 -8.10 3.87 19.47
CA SER B 160 -6.92 3.57 20.28
C SER B 160 -5.65 3.91 19.50
N PHE B 161 -5.58 3.45 18.24
CA PHE B 161 -4.46 3.79 17.36
C PHE B 161 -4.33 5.30 17.21
N ALA B 162 -5.44 5.99 16.92
CA ALA B 162 -5.35 7.42 16.66
C ALA B 162 -4.93 8.18 17.91
N LEU B 163 -5.45 7.79 19.07
CA LEU B 163 -5.13 8.51 20.30
C LEU B 163 -3.67 8.31 20.69
N ALA B 164 -3.14 7.10 20.56
CA ALA B 164 -1.73 6.89 20.84
C ALA B 164 -0.86 7.71 19.89
N THR B 165 -1.20 7.70 18.61
CA THR B 165 -0.49 8.53 17.63
C THR B 165 -0.54 9.99 18.01
N ALA B 166 -1.73 10.48 18.43
CA ALA B 166 -1.87 11.86 18.89
C ALA B 166 -1.02 12.13 20.13
N GLY B 167 -1.01 11.20 21.07
CA GLY B 167 -0.25 11.43 22.29
C GLY B 167 1.23 11.61 22.03
N ALA B 168 1.79 10.79 21.15
CA ALA B 168 3.19 10.96 20.77
C ALA B 168 3.40 12.24 19.98
N ALA B 169 2.50 12.54 19.05
CA ALA B 169 2.64 13.74 18.22
C ALA B 169 2.65 15.02 19.07
N VAL B 170 1.69 15.17 19.99
CA VAL B 170 1.67 16.44 20.73
C VAL B 170 2.85 16.52 21.69
N ARG B 171 3.44 15.38 22.05
CA ARG B 171 4.64 15.40 22.87
C ARG B 171 5.91 15.55 22.04
N ASN B 172 5.79 15.73 20.73
CA ASN B 172 6.92 15.81 19.81
CA ASN B 172 6.94 15.82 19.84
C ASN B 172 7.91 14.67 20.07
N GLU B 173 7.37 13.44 20.13
CA GLU B 173 8.26 12.32 20.37
C GLU B 173 7.91 11.16 19.44
N GLU B 174 8.89 10.28 19.23
CA GLU B 174 8.64 9.09 18.40
C GLU B 174 7.52 8.25 19.01
N LEU B 175 6.68 7.67 18.14
CA LEU B 175 5.56 6.89 18.62
C LEU B 175 6.04 5.67 19.42
N PHE B 176 7.13 5.03 18.98
CA PHE B 176 7.60 3.88 19.76
C PHE B 176 8.04 4.27 21.16
N LEU B 177 8.51 5.51 21.36
CA LEU B 177 8.88 5.89 22.71
C LEU B 177 7.64 6.13 23.57
N TYR B 178 6.64 6.81 23.02
CA TYR B 178 5.36 6.92 23.70
C TYR B 178 4.81 5.55 24.10
N LEU B 179 4.82 4.61 23.15
CA LEU B 179 4.31 3.26 23.45
C LEU B 179 5.20 2.53 24.45
N ALA B 180 6.53 2.69 24.36
CA ALA B 180 7.43 2.07 25.34
C ALA B 180 7.15 2.58 26.75
N ARG B 181 6.83 3.87 26.89
CA ARG B 181 6.57 4.40 28.23
C ARG B 181 5.26 3.84 28.78
N ALA B 182 4.23 3.78 27.93
CA ALA B 182 2.98 3.14 28.32
C ALA B 182 3.20 1.68 28.72
N PHE B 183 4.04 0.95 27.96
CA PHE B 183 4.22 -0.49 28.22
C PHE B 183 5.05 -0.74 29.48
N HIS B 184 6.15 -0.02 29.62
CA HIS B 184 7.09 -0.30 30.69
C HIS B 184 6.91 0.57 31.92
N GLY B 185 6.23 1.71 31.80
CA GLY B 185 6.20 2.67 32.88
C GLY B 185 7.41 3.60 32.86
N ALA B 186 7.22 4.77 33.49
CA ALA B 186 8.23 5.84 33.42
C ALA B 186 9.59 5.40 33.96
N ASP B 187 9.61 4.61 35.04
CA ASP B 187 10.88 4.29 35.70
C ASP B 187 11.77 3.44 34.81
N LYS B 188 11.23 2.36 34.27
CA LYS B 188 12.01 1.49 33.38
C LYS B 188 12.31 2.18 32.06
N PHE B 189 11.41 3.07 31.61
CA PHE B 189 11.60 3.74 30.32
C PHE B 189 12.85 4.63 30.33
N GLU B 190 13.25 5.13 31.51
CA GLU B 190 14.30 6.14 31.57
C GLU B 190 15.59 5.67 30.92
N ASN B 191 15.97 4.41 31.16
CA ASN B 191 17.25 3.90 30.66
C ASN B 191 17.05 2.78 29.65
N LEU B 192 15.89 2.72 29.04
CA LEU B 192 15.56 1.63 28.14
C LEU B 192 16.32 1.73 26.83
N LYS B 193 16.86 0.60 26.37
CA LYS B 193 17.41 0.46 25.03
C LYS B 193 16.52 -0.48 24.21
N PHE B 194 16.67 -0.44 22.88
CA PHE B 194 15.74 -1.07 21.96
C PHE B 194 16.47 -1.93 20.96
N ARG B 195 16.00 -3.17 20.77
CA ARG B 195 16.60 -4.14 19.86
C ARG B 195 15.55 -4.42 18.78
N LEU B 196 15.84 -4.01 17.54
CA LEU B 196 14.87 -4.10 16.45
C LEU B 196 14.41 -5.54 16.24
N PRO B 197 13.20 -5.75 15.72
CA PRO B 197 12.68 -7.12 15.57
C PRO B 197 13.22 -7.80 14.32
N THR B 198 12.88 -9.06 14.19
CA THR B 198 13.18 -9.79 12.96
C THR B 198 11.87 -9.99 12.20
N PRO B 199 11.82 -9.67 10.91
CA PRO B 199 10.55 -9.76 10.20
C PRO B 199 10.32 -11.18 9.69
N MET B 200 9.06 -11.60 9.77
CA MET B 200 8.60 -12.87 9.20
C MET B 200 7.85 -12.51 7.93
N VAL B 201 8.44 -12.82 6.78
CA VAL B 201 8.11 -12.18 5.52
C VAL B 201 7.35 -13.17 4.64
N ASN B 202 6.06 -12.91 4.43
CA ASN B 202 5.22 -13.74 3.54
C ASN B 202 5.75 -13.71 2.11
N ILE B 203 6.03 -14.87 1.51
CA ILE B 203 6.40 -14.83 0.10
C ILE B 203 5.70 -15.86 -0.75
N LEU B 204 5.17 -16.94 -0.20
CA LEU B 204 4.46 -17.94 -0.97
CA LEU B 204 4.48 -17.97 -0.96
C LEU B 204 3.22 -18.36 -0.20
N ASN B 205 2.08 -18.43 -0.89
CA ASN B 205 0.81 -18.75 -0.25
C ASN B 205 0.18 -19.99 -0.87
N GLY B 206 -0.46 -20.80 -0.04
CA GLY B 206 -1.24 -21.95 -0.43
C GLY B 206 -2.64 -21.86 0.14
N GLY B 207 -3.25 -23.04 0.32
CA GLY B 207 -4.56 -23.10 0.98
C GLY B 207 -5.62 -22.35 0.21
N LYS B 208 -6.45 -21.60 0.94
CA LYS B 208 -7.51 -20.80 0.31
C LYS B 208 -6.97 -19.82 -0.74
N HIS B 209 -5.69 -19.47 -0.69
CA HIS B 209 -5.15 -18.41 -1.55
C HIS B 209 -4.80 -18.85 -2.95
N ALA B 210 -4.64 -20.15 -3.19
CA ALA B 210 -4.03 -20.64 -4.41
C ALA B 210 -4.86 -21.79 -4.95
N GLY B 211 -4.62 -22.15 -6.22
CA GLY B 211 -5.44 -23.09 -6.92
C GLY B 211 -4.99 -24.55 -6.85
N GLY B 212 -3.83 -24.82 -6.29
CA GLY B 212 -3.31 -26.16 -6.19
C GLY B 212 -3.88 -26.89 -4.98
N ARG B 213 -3.29 -28.05 -4.69
CA ARG B 213 -3.76 -28.87 -3.58
C ARG B 213 -2.98 -28.63 -2.29
N LEU B 214 -1.96 -27.78 -2.33
CA LEU B 214 -1.24 -27.31 -1.14
C LEU B 214 -2.21 -26.66 -0.17
N GLN B 215 -2.22 -27.13 1.07
CA GLN B 215 -3.19 -26.66 2.05
C GLN B 215 -2.59 -25.70 3.06
N ILE B 216 -1.32 -25.90 3.42
CA ILE B 216 -0.61 -24.94 4.27
CA ILE B 216 -0.63 -24.93 4.29
C ILE B 216 -0.73 -23.55 3.66
N GLN B 217 -1.15 -22.57 4.47
CA GLN B 217 -1.58 -21.30 3.91
C GLN B 217 -0.43 -20.35 3.56
N GLU B 218 0.59 -20.25 4.42
CA GLU B 218 1.61 -19.23 4.25
C GLU B 218 3.00 -19.80 4.48
N PHE B 219 3.93 -19.35 3.65
CA PHE B 219 5.34 -19.70 3.76
C PHE B 219 6.12 -18.40 3.86
N MET B 220 6.99 -18.31 4.86
CA MET B 220 7.67 -17.06 5.20
C MET B 220 9.16 -17.28 5.21
N ILE B 221 9.91 -16.18 5.03
CA ILE B 221 11.35 -16.19 5.27
C ILE B 221 11.66 -15.23 6.41
N LEU B 222 12.71 -15.58 7.16
CA LEU B 222 13.22 -14.72 8.23
C LEU B 222 14.70 -14.49 7.96
N PRO B 223 15.15 -13.24 7.93
CA PRO B 223 16.59 -13.00 7.88
C PRO B 223 17.20 -13.27 9.26
N LYS B 224 18.52 -13.48 9.27
CA LYS B 224 19.17 -13.75 10.54
C LYS B 224 19.06 -12.54 11.46
N GLU B 225 19.07 -12.80 12.78
CA GLU B 225 18.67 -11.77 13.75
C GLU B 225 19.75 -10.73 13.95
N ASN B 226 21.02 -11.13 14.04
CA ASN B 226 22.07 -10.21 14.48
C ASN B 226 22.67 -9.48 13.27
N GLN B 227 21.94 -8.48 12.79
CA GLN B 227 22.44 -7.62 11.73
C GLN B 227 21.58 -6.37 11.66
N PRO B 228 22.02 -5.30 10.99
CA PRO B 228 21.18 -4.10 10.92
C PRO B 228 19.84 -4.40 10.24
N PHE B 229 18.82 -3.65 10.65
CA PHE B 229 17.52 -3.85 10.04
C PHE B 229 17.56 -3.49 8.55
N ARG B 230 18.40 -2.51 8.20
CA ARG B 230 18.66 -2.20 6.79
CA ARG B 230 18.59 -2.21 6.78
C ARG B 230 19.06 -3.44 6.02
N GLU B 231 19.87 -4.32 6.64
CA GLU B 231 20.33 -5.51 5.91
C GLU B 231 19.30 -6.62 5.93
N LYS B 232 18.54 -6.74 7.02
CA LYS B 232 17.38 -7.63 7.06
C LYS B 232 16.42 -7.33 5.92
N VAL B 233 16.05 -6.05 5.77
CA VAL B 233 15.12 -5.65 4.72
C VAL B 233 15.68 -5.98 3.34
N ARG B 234 16.96 -5.66 3.11
CA ARG B 234 17.52 -5.88 1.79
C ARG B 234 17.60 -7.38 1.48
N CYS B 235 17.98 -8.18 2.47
CA CYS B 235 18.00 -9.62 2.29
C CYS B 235 16.64 -10.17 1.85
N VAL B 236 15.57 -9.88 2.60
CA VAL B 236 14.29 -10.49 2.25
C VAL B 236 13.75 -9.90 0.94
N ALA B 237 14.03 -8.62 0.67
CA ALA B 237 13.61 -8.01 -0.59
C ALA B 237 14.26 -8.71 -1.78
N GLU B 238 15.55 -9.04 -1.66
CA GLU B 238 16.26 -9.69 -2.74
C GLU B 238 15.77 -11.12 -2.98
N VAL B 239 15.52 -11.87 -1.91
CA VAL B 239 15.00 -13.23 -2.05
C VAL B 239 13.63 -13.20 -2.73
N TYR B 240 12.77 -12.28 -2.28
CA TYR B 240 11.44 -12.13 -2.85
C TYR B 240 11.51 -11.84 -4.36
N GLN B 241 12.36 -10.88 -4.76
CA GLN B 241 12.52 -10.59 -6.19
C GLN B 241 12.96 -11.83 -6.97
N HIS B 242 13.89 -12.59 -6.41
CA HIS B 242 14.40 -13.76 -7.13
C HIS B 242 13.35 -14.86 -7.23
N LEU B 243 12.54 -15.06 -6.18
CA LEU B 243 11.45 -16.02 -6.28
C LEU B 243 10.46 -15.60 -7.36
N GLY B 244 10.12 -14.30 -7.40
CA GLY B 244 9.26 -13.81 -8.45
C GLY B 244 9.77 -14.15 -9.84
N LYS B 245 11.07 -13.92 -10.08
CA LYS B 245 11.64 -14.23 -11.40
C LYS B 245 11.61 -15.73 -11.66
N ILE B 246 11.89 -16.55 -10.65
CA ILE B 246 11.83 -17.99 -10.82
C ILE B 246 10.42 -18.43 -11.21
N LEU B 247 9.42 -17.91 -10.51
CA LEU B 247 8.04 -18.32 -10.76
C LEU B 247 7.56 -17.87 -12.13
N ALA B 248 7.96 -16.65 -12.55
CA ALA B 248 7.58 -16.18 -13.88
C ALA B 248 8.19 -17.03 -15.00
N GLU B 249 9.40 -17.55 -14.80
CA GLU B 249 9.98 -18.43 -15.80
C GLU B 249 9.24 -19.75 -15.86
N ARG B 250 8.77 -20.25 -14.72
CA ARG B 250 8.04 -21.51 -14.71
C ARG B 250 6.66 -21.35 -15.33
N ALA B 251 5.94 -20.24 -15.03
CA ALA B 251 4.51 -20.15 -15.33
C ALA B 251 4.11 -18.88 -16.09
N GLY B 252 5.06 -18.07 -16.56
CA GLY B 252 4.72 -16.90 -17.34
C GLY B 252 4.34 -15.70 -16.49
N PRO B 253 3.94 -14.61 -17.15
CA PRO B 253 3.81 -13.32 -16.45
C PRO B 253 2.81 -13.32 -15.30
N SER B 254 1.73 -14.09 -15.40
CA SER B 254 0.72 -14.09 -14.35
CA SER B 254 0.73 -14.08 -14.34
C SER B 254 1.26 -14.63 -13.04
N ALA B 255 2.35 -15.40 -13.07
CA ALA B 255 2.90 -15.99 -11.85
C ALA B 255 3.40 -14.94 -10.87
N LYS B 256 3.66 -13.72 -11.32
CA LYS B 256 4.16 -12.65 -10.47
C LYS B 256 3.04 -11.85 -9.79
N ASN B 257 1.78 -12.12 -10.13
CA ASN B 257 0.68 -11.44 -9.44
C ASN B 257 0.63 -11.88 -7.99
N VAL B 258 0.16 -10.98 -7.11
CA VAL B 258 0.34 -11.17 -5.68
C VAL B 258 -1.03 -11.24 -4.99
N GLY B 259 -1.02 -11.88 -3.83
CA GLY B 259 -2.20 -11.92 -2.97
C GLY B 259 -2.30 -10.69 -2.08
N ASP B 260 -3.23 -10.77 -1.12
CA ASP B 260 -3.57 -9.63 -0.28
C ASP B 260 -2.36 -9.11 0.50
N GLU B 261 -1.42 -9.99 0.85
CA GLU B 261 -0.27 -9.64 1.65
CA GLU B 261 -0.27 -9.61 1.65
C GLU B 261 1.01 -9.51 0.84
N GLY B 262 0.92 -9.58 -0.49
CA GLY B 262 2.06 -9.38 -1.36
C GLY B 262 2.80 -10.64 -1.76
N GLY B 263 2.43 -11.80 -1.24
CA GLY B 263 3.09 -13.03 -1.60
C GLY B 263 2.57 -13.58 -2.92
N PHE B 264 3.37 -14.46 -3.51
CA PHE B 264 2.98 -15.17 -4.71
C PHE B 264 2.13 -16.38 -4.36
N ALA B 265 1.33 -16.82 -5.32
CA ALA B 265 0.39 -17.92 -5.08
C ALA B 265 0.35 -18.85 -6.28
N PRO B 266 1.48 -19.49 -6.59
CA PRO B 266 1.50 -20.45 -7.70
C PRO B 266 0.75 -21.72 -7.33
N ASN B 267 0.34 -22.44 -8.35
CA ASN B 267 -0.36 -23.72 -8.16
CA ASN B 267 -0.36 -23.71 -8.15
C ASN B 267 0.65 -24.77 -7.75
N LEU B 268 0.61 -25.17 -6.49
CA LEU B 268 1.54 -26.16 -5.94
C LEU B 268 0.76 -27.26 -5.24
N GLU B 269 1.40 -28.42 -5.11
CA GLU B 269 0.74 -29.55 -4.48
CA GLU B 269 0.79 -29.60 -4.51
C GLU B 269 1.22 -29.80 -3.05
N THR B 270 2.49 -29.57 -2.72
CA THR B 270 3.00 -29.90 -1.40
C THR B 270 3.81 -28.76 -0.80
N ALA B 271 3.95 -28.82 0.53
CA ALA B 271 4.82 -27.87 1.24
C ALA B 271 6.28 -28.05 0.85
N ASP B 272 6.70 -29.29 0.57
CA ASP B 272 8.06 -29.49 0.07
C ASP B 272 8.29 -28.73 -1.23
N GLU B 273 7.30 -28.71 -2.14
CA GLU B 273 7.44 -27.92 -3.36
C GLU B 273 7.61 -26.45 -3.05
N ALA B 274 6.75 -25.92 -2.18
CA ALA B 274 6.86 -24.52 -1.78
C ALA B 274 8.23 -24.22 -1.18
N LEU B 275 8.67 -25.03 -0.21
CA LEU B 275 9.94 -24.75 0.47
C LEU B 275 11.12 -24.89 -0.48
N ASN B 276 11.06 -25.85 -1.41
CA ASN B 276 12.13 -26.00 -2.38
C ASN B 276 12.27 -24.77 -3.26
N TYR B 277 11.15 -24.17 -3.68
CA TYR B 277 11.22 -22.93 -4.46
C TYR B 277 11.82 -21.80 -3.64
N ILE B 278 11.35 -21.62 -2.41
CA ILE B 278 11.92 -20.61 -1.54
C ILE B 278 13.41 -20.83 -1.35
N GLU B 279 13.82 -22.07 -1.07
CA GLU B 279 15.23 -22.33 -0.85
C GLU B 279 16.04 -22.03 -2.11
N GLU B 280 15.47 -22.32 -3.28
CA GLU B 280 16.14 -21.98 -4.53
C GLU B 280 16.36 -20.48 -4.64
N ALA B 281 15.31 -19.70 -4.36
CA ALA B 281 15.42 -18.24 -4.42
C ALA B 281 16.45 -17.70 -3.43
N ILE B 282 16.54 -18.30 -2.24
CA ILE B 282 17.54 -17.86 -1.27
C ILE B 282 18.94 -18.02 -1.87
N GLY B 283 19.19 -19.15 -2.51
CA GLY B 283 20.49 -19.37 -3.12
C GLY B 283 20.76 -18.46 -4.30
N LYS B 284 19.74 -18.23 -5.13
CA LYS B 284 19.93 -17.33 -6.28
C LYS B 284 20.20 -15.90 -5.82
N ALA B 285 19.57 -15.46 -4.73
CA ALA B 285 19.84 -14.16 -4.15
C ALA B 285 21.22 -14.05 -3.54
N GLY B 286 21.93 -15.17 -3.37
CA GLY B 286 23.27 -15.17 -2.84
C GLY B 286 23.36 -15.40 -1.35
N TYR B 287 22.33 -15.96 -0.72
CA TYR B 287 22.33 -16.20 0.72
C TYR B 287 22.35 -17.69 1.00
N LYS B 288 22.73 -18.06 2.22
CA LYS B 288 22.81 -19.45 2.65
C LYS B 288 21.59 -19.80 3.49
N VAL B 289 20.82 -20.78 3.00
CA VAL B 289 19.70 -21.33 3.75
C VAL B 289 20.19 -21.85 5.09
N GLY B 290 19.42 -21.60 6.15
CA GLY B 290 19.85 -22.09 7.44
C GLY B 290 20.96 -21.30 8.09
N GLU B 291 21.41 -20.21 7.48
CA GLU B 291 22.44 -19.38 8.10
C GLU B 291 22.09 -17.91 7.93
N ASP B 292 21.82 -17.49 6.69
CA ASP B 292 21.38 -16.12 6.41
C ASP B 292 19.88 -15.99 6.41
N VAL B 293 19.16 -17.02 5.98
CA VAL B 293 17.71 -16.97 5.82
C VAL B 293 17.11 -18.24 6.40
N PHE B 294 16.06 -18.07 7.19
CA PHE B 294 15.35 -19.18 7.81
C PHE B 294 13.94 -19.20 7.29
N LEU B 295 13.21 -20.27 7.59
CA LEU B 295 11.88 -20.50 7.04
C LEU B 295 10.82 -20.55 8.14
N ALA B 296 9.59 -20.21 7.77
CA ALA B 296 8.48 -20.31 8.71
C ALA B 296 7.20 -20.64 7.95
N LEU B 297 6.28 -21.28 8.65
CA LEU B 297 4.98 -21.64 8.11
C LEU B 297 3.87 -21.03 8.97
N ASP B 298 2.77 -20.68 8.31
CA ASP B 298 1.48 -20.48 8.96
C ASP B 298 0.54 -21.44 8.25
N ALA B 299 0.27 -22.56 8.92
CA ALA B 299 -0.57 -23.58 8.33
C ALA B 299 -2.02 -23.13 8.19
N ALA B 300 -2.47 -22.23 9.06
CA ALA B 300 -3.89 -21.91 9.19
C ALA B 300 -4.72 -23.19 9.17
N SER B 301 -4.28 -24.15 10.00
CA SER B 301 -4.77 -25.52 9.85
C SER B 301 -6.24 -25.67 10.23
N SER B 302 -6.83 -24.70 10.95
CA SER B 302 -8.27 -24.78 11.18
C SER B 302 -9.03 -24.84 9.87
N GLU B 303 -8.47 -24.25 8.81
CA GLU B 303 -9.15 -24.23 7.51
C GLU B 303 -9.27 -25.60 6.88
N PHE B 304 -8.42 -26.55 7.23
CA PHE B 304 -8.56 -27.88 6.64
C PHE B 304 -8.77 -28.97 7.69
N TYR B 305 -9.26 -28.59 8.87
CA TYR B 305 -9.63 -29.55 9.89
C TYR B 305 -11.11 -29.88 9.84
N ASN B 306 -11.43 -31.18 9.94
CA ASN B 306 -12.81 -31.66 10.04
C ASN B 306 -13.03 -32.13 11.48
N SER B 307 -13.89 -31.40 12.22
CA SER B 307 -14.16 -31.70 13.62
C SER B 307 -15.00 -32.96 13.81
N ASP B 308 -15.63 -33.47 12.75
CA ASP B 308 -16.35 -34.73 12.85
C ASP B 308 -15.42 -35.92 12.66
N THR B 309 -14.61 -35.93 11.59
CA THR B 309 -13.66 -37.02 11.39
C THR B 309 -12.42 -36.87 12.25
N LYS B 310 -12.19 -35.68 12.81
CA LYS B 310 -10.97 -35.35 13.56
C LYS B 310 -9.73 -35.45 12.67
N LYS B 311 -9.87 -35.14 11.39
CA LYS B 311 -8.80 -35.30 10.43
C LYS B 311 -8.42 -33.96 9.83
N TYR B 312 -7.13 -33.84 9.51
CA TYR B 312 -6.59 -32.66 8.84
C TYR B 312 -6.41 -32.99 7.35
N GLU B 313 -7.09 -32.23 6.49
CA GLU B 313 -7.04 -32.47 5.05
C GLU B 313 -5.79 -31.76 4.53
N ILE B 314 -4.62 -32.39 4.78
CA ILE B 314 -3.33 -31.78 4.53
C ILE B 314 -3.05 -31.63 3.03
N THR B 315 -3.59 -32.52 2.20
CA THR B 315 -3.49 -32.39 0.76
C THR B 315 -4.92 -32.45 0.22
N GLN B 316 -5.32 -31.41 -0.49
CA GLN B 316 -6.74 -31.23 -0.79
C GLN B 316 -7.30 -32.45 -1.50
N GLN B 317 -8.33 -33.03 -0.88
CA GLN B 317 -9.05 -34.19 -1.44
CA GLN B 317 -9.06 -34.20 -1.39
C GLN B 317 -8.12 -35.37 -1.69
N LYS B 318 -6.98 -35.43 -1.00
CA LYS B 318 -6.04 -36.53 -1.20
C LYS B 318 -5.55 -37.18 0.10
N GLU B 319 -5.09 -36.38 1.07
CA GLU B 319 -4.48 -36.92 2.29
C GLU B 319 -5.13 -36.34 3.53
N PHE B 320 -5.46 -37.22 4.47
CA PHE B 320 -6.18 -36.86 5.68
C PHE B 320 -5.44 -37.46 6.86
N LEU B 321 -5.01 -36.61 7.79
CA LEU B 321 -4.14 -37.01 8.89
C LEU B 321 -4.83 -36.79 10.23
N THR B 322 -4.56 -37.69 11.17
CA THR B 322 -4.87 -37.45 12.58
C THR B 322 -3.99 -36.33 13.13
N SER B 323 -4.39 -35.80 14.28
CA SER B 323 -3.54 -34.87 15.02
C SER B 323 -2.12 -35.42 15.15
N GLU B 324 -2.01 -36.67 15.58
CA GLU B 324 -0.71 -37.29 15.79
CA GLU B 324 -0.69 -37.26 15.80
C GLU B 324 0.09 -37.37 14.49
N GLU B 325 -0.57 -37.76 13.39
CA GLU B 325 0.12 -37.80 12.11
C GLU B 325 0.50 -36.39 11.63
N MET B 326 -0.28 -35.37 12.01
CA MET B 326 0.07 -34.02 11.63
C MET B 326 1.35 -33.57 12.33
N VAL B 327 1.45 -33.82 13.64
CA VAL B 327 2.69 -33.52 14.35
C VAL B 327 3.86 -34.25 13.71
N GLU B 328 3.67 -35.52 13.39
CA GLU B 328 4.74 -36.27 12.74
C GLU B 328 5.06 -35.69 11.37
N TYR B 329 4.04 -35.23 10.64
CA TYR B 329 4.28 -34.57 9.35
C TYR B 329 5.13 -33.33 9.52
N TYR B 330 4.86 -32.52 10.54
CA TYR B 330 5.70 -31.34 10.79
C TYR B 330 7.11 -31.74 11.17
N VAL B 331 7.25 -32.77 12.02
CA VAL B 331 8.58 -33.25 12.40
C VAL B 331 9.38 -33.63 11.17
N GLN B 332 8.77 -34.39 10.26
CA GLN B 332 9.44 -34.78 9.03
C GLN B 332 9.69 -33.60 8.11
N LEU B 333 8.79 -32.62 8.06
CA LEU B 333 9.02 -31.46 7.20
C LEU B 333 10.23 -30.66 7.70
N VAL B 334 10.33 -30.48 9.01
CA VAL B 334 11.49 -29.80 9.59
C VAL B 334 12.75 -30.62 9.38
N ASN B 335 12.65 -31.96 9.44
CA ASN B 335 13.79 -32.79 9.10
C ASN B 335 14.28 -32.53 7.68
N ARG B 336 13.35 -32.44 6.73
CA ARG B 336 13.74 -32.24 5.34
C ARG B 336 14.17 -30.80 5.06
N HIS B 337 13.68 -29.85 5.87
CA HIS B 337 13.98 -28.43 5.71
C HIS B 337 14.38 -27.89 7.07
N PRO B 338 15.63 -28.12 7.49
CA PRO B 338 16.05 -27.72 8.84
C PRO B 338 16.06 -26.22 9.06
N ALA B 339 15.94 -25.44 8.00
CA ALA B 339 15.86 -24.00 8.20
C ALA B 339 14.51 -23.54 8.69
N ILE B 340 13.53 -24.44 8.82
CA ILE B 340 12.25 -24.04 9.40
C ILE B 340 12.44 -23.79 10.89
N ILE B 341 12.11 -22.60 11.35
CA ILE B 341 12.29 -22.27 12.75
C ILE B 341 11.00 -21.81 13.41
N SER B 342 9.89 -21.81 12.68
CA SER B 342 8.63 -21.44 13.31
C SER B 342 7.48 -22.04 12.52
N ILE B 343 6.49 -22.49 13.25
CA ILE B 343 5.25 -23.00 12.67
C ILE B 343 4.10 -22.37 13.44
N GLU B 344 3.21 -21.69 12.73
CA GLU B 344 2.07 -21.00 13.31
C GLU B 344 0.79 -21.76 12.94
N ASP B 345 -0.09 -21.90 13.93
CA ASP B 345 -1.38 -22.56 13.77
C ASP B 345 -1.26 -23.91 13.06
N GLY B 346 -0.25 -24.70 13.46
CA GLY B 346 -0.05 -26.00 12.84
C GLY B 346 -1.18 -26.98 13.12
N LEU B 347 -1.88 -26.80 14.23
CA LEU B 347 -3.06 -27.58 14.56
C LEU B 347 -4.24 -26.64 14.81
N GLU B 348 -5.44 -27.21 14.75
CA GLU B 348 -6.69 -26.45 14.79
C GLU B 348 -6.85 -25.72 16.13
N GLU B 349 -7.65 -24.65 16.11
CA GLU B 349 -7.67 -23.67 17.19
C GLU B 349 -8.11 -24.24 18.55
N LYS B 350 -8.81 -25.38 18.55
CA LYS B 350 -9.21 -26.01 19.81
C LYS B 350 -8.66 -27.43 19.95
N ASP B 351 -7.67 -27.81 19.14
CA ASP B 351 -7.07 -29.14 19.21
C ASP B 351 -5.95 -29.12 20.25
N TYR B 352 -6.38 -28.96 21.51
CA TYR B 352 -5.41 -28.69 22.58
C TYR B 352 -4.50 -29.89 22.82
N GLU B 353 -5.04 -31.11 22.75
CA GLU B 353 -4.18 -32.28 22.92
C GLU B 353 -3.13 -32.37 21.80
N GLY B 354 -3.52 -32.04 20.57
CA GLY B 354 -2.56 -31.97 19.48
C GLY B 354 -1.49 -30.91 19.71
N TRP B 355 -1.91 -29.70 20.07
CA TRP B 355 -0.95 -28.64 20.34
C TRP B 355 0.04 -29.03 21.43
N LYS B 356 -0.45 -29.62 22.53
CA LYS B 356 0.47 -30.02 23.58
C LYS B 356 1.52 -30.98 23.05
N LEU B 357 1.10 -31.98 22.27
CA LEU B 357 2.05 -32.91 21.65
C LEU B 357 2.99 -32.20 20.69
N LEU B 358 2.45 -31.28 19.90
CA LEU B 358 3.29 -30.52 18.96
C LEU B 358 4.39 -29.79 19.71
N THR B 359 4.02 -29.09 20.78
CA THR B 359 5.00 -28.33 21.56
C THR B 359 5.96 -29.27 22.30
N GLU B 360 5.46 -30.40 22.79
CA GLU B 360 6.37 -31.38 23.40
C GLU B 360 7.45 -31.82 22.42
N ARG B 361 7.07 -32.08 21.16
CA ARG B 361 8.01 -32.71 20.24
C ARG B 361 8.91 -31.70 19.54
N LEU B 362 8.43 -30.49 19.30
CA LEU B 362 9.17 -29.50 18.54
C LEU B 362 9.44 -28.20 19.29
N GLY B 363 8.86 -27.99 20.47
CA GLY B 363 8.95 -26.71 21.13
C GLY B 363 10.35 -26.31 21.56
N SER B 364 11.23 -27.27 21.80
CA SER B 364 12.60 -26.90 22.14
C SER B 364 13.39 -26.42 20.93
N LYS B 365 12.94 -26.75 19.72
CA LYS B 365 13.67 -26.44 18.49
C LYS B 365 13.09 -25.29 17.70
N ILE B 366 11.77 -25.09 17.73
CA ILE B 366 11.16 -24.05 16.91
C ILE B 366 10.09 -23.32 17.70
N MET B 367 9.75 -22.12 17.21
CA MET B 367 8.57 -21.42 17.71
C MET B 367 7.30 -22.12 17.25
N LEU B 368 6.37 -22.33 18.18
CA LEU B 368 5.03 -22.80 17.86
C LEU B 368 4.09 -21.66 18.21
N VAL B 369 3.54 -21.02 17.17
CA VAL B 369 2.88 -19.72 17.28
C VAL B 369 1.38 -19.91 17.32
N GLY B 370 0.74 -19.45 18.40
CA GLY B 370 -0.69 -19.48 18.44
C GLY B 370 -1.24 -18.21 17.84
N ASP B 371 -2.01 -18.35 16.75
CA ASP B 371 -2.76 -17.24 16.17
C ASP B 371 -4.25 -17.49 16.44
N ASP B 372 -4.89 -18.34 15.63
CA ASP B 372 -6.27 -18.71 15.93
C ASP B 372 -6.38 -19.39 17.28
N LEU B 373 -5.30 -20.05 17.72
CA LEU B 373 -5.29 -20.71 19.02
C LEU B 373 -5.66 -19.76 20.15
N TYR B 374 -5.22 -18.51 20.04
CA TYR B 374 -5.35 -17.54 21.10
C TYR B 374 -6.28 -16.38 20.77
N THR B 375 -6.47 -16.10 19.47
CA THR B 375 -7.10 -14.88 18.97
C THR B 375 -6.84 -13.70 19.89
N THR B 376 -5.57 -13.50 20.28
CA THR B 376 -5.16 -12.37 21.12
C THR B 376 -6.15 -12.18 22.28
N ASN B 377 -6.42 -13.27 22.98
CA ASN B 377 -7.38 -13.32 24.08
C ASN B 377 -6.65 -13.76 25.35
N THR B 378 -6.69 -12.94 26.39
CA THR B 378 -5.87 -13.21 27.58
C THR B 378 -6.37 -14.43 28.36
N ARG B 379 -7.68 -14.69 28.31
CA ARG B 379 -8.19 -15.92 28.91
C ARG B 379 -7.58 -17.15 28.24
N LEU B 380 -7.48 -17.14 26.90
CA LEU B 380 -6.89 -18.28 26.20
C LEU B 380 -5.39 -18.35 26.43
N ILE B 381 -4.71 -17.20 26.37
CA ILE B 381 -3.27 -17.16 26.59
C ILE B 381 -2.92 -17.74 27.96
N LYS B 382 -3.64 -17.32 29.01
CA LYS B 382 -3.35 -17.84 30.34
C LYS B 382 -3.46 -19.36 30.37
N GLN B 383 -4.52 -19.90 29.78
CA GLN B 383 -4.70 -21.35 29.75
C GLN B 383 -3.60 -22.01 28.93
N GLY B 384 -3.26 -21.42 27.77
CA GLY B 384 -2.25 -22.04 26.94
C GLY B 384 -0.88 -22.06 27.58
N ILE B 385 -0.53 -20.99 28.31
CA ILE B 385 0.72 -20.99 29.05
C ILE B 385 0.71 -22.07 30.11
N GLU B 386 -0.37 -22.14 30.90
CA GLU B 386 -0.46 -23.14 31.95
C GLU B 386 -0.42 -24.56 31.39
N GLU B 387 -1.12 -24.80 30.29
CA GLU B 387 -1.21 -26.16 29.74
C GLU B 387 -0.16 -26.45 28.69
N LYS B 388 0.72 -25.49 28.36
CA LYS B 388 1.82 -25.70 27.43
C LYS B 388 1.33 -26.02 26.01
N TRP B 389 0.32 -25.29 25.55
CA TRP B 389 -0.16 -25.48 24.19
C TRP B 389 0.88 -25.08 23.16
N ALA B 390 1.64 -24.01 23.44
CA ALA B 390 2.49 -23.37 22.45
C ALA B 390 3.57 -22.61 23.19
N ASN B 391 4.42 -21.90 22.44
CA ASN B 391 5.43 -21.06 23.08
C ASN B 391 5.56 -19.68 22.46
N ALA B 392 4.61 -19.24 21.65
CA ALA B 392 4.64 -17.89 21.12
C ALA B 392 3.22 -17.47 20.80
N LEU B 393 3.02 -16.16 20.71
CA LEU B 393 1.73 -15.54 20.48
C LEU B 393 1.82 -14.67 19.24
N LEU B 394 0.87 -14.83 18.31
CA LEU B 394 0.69 -13.87 17.23
C LEU B 394 -0.26 -12.79 17.74
N LEU B 395 0.24 -11.57 17.88
CA LEU B 395 -0.48 -10.50 18.55
C LEU B 395 -1.13 -9.61 17.49
N LYS B 396 -2.46 -9.58 17.48
CA LYS B 396 -3.21 -8.69 16.59
C LYS B 396 -3.99 -7.73 17.46
N VAL B 397 -3.59 -6.45 17.48
CA VAL B 397 -4.23 -5.51 18.40
C VAL B 397 -5.74 -5.49 18.18
N ASN B 398 -6.16 -5.47 16.92
CA ASN B 398 -7.59 -5.30 16.68
C ASN B 398 -8.39 -6.55 16.99
N GLN B 399 -7.74 -7.71 17.19
CA GLN B 399 -8.47 -8.88 17.69
C GLN B 399 -8.94 -8.69 19.12
N ILE B 400 -8.22 -7.91 19.91
CA ILE B 400 -8.60 -7.75 21.30
C ILE B 400 -9.28 -6.38 21.47
N GLY B 401 -8.81 -5.35 20.76
CA GLY B 401 -9.50 -4.07 20.82
C GLY B 401 -8.56 -2.90 20.89
N THR B 402 -8.08 -2.58 22.10
CA THR B 402 -7.20 -1.44 22.30
C THR B 402 -5.74 -1.88 22.40
N ILE B 403 -4.87 -0.91 22.20
CA ILE B 403 -3.43 -1.10 22.42
C ILE B 403 -3.17 -1.61 23.85
N THR B 404 -3.78 -0.97 24.85
CA THR B 404 -3.50 -1.36 26.23
C THR B 404 -3.87 -2.81 26.48
N GLU B 405 -5.02 -3.24 25.96
CA GLU B 405 -5.40 -4.65 26.11
C GLU B 405 -4.40 -5.56 25.43
N ALA B 406 -3.94 -5.17 24.23
CA ALA B 406 -2.92 -5.95 23.55
C ALA B 406 -1.63 -5.99 24.35
N MET B 407 -1.24 -4.87 24.96
CA MET B 407 -0.03 -4.88 25.79
C MET B 407 -0.16 -5.88 26.94
N ASN B 408 -1.34 -5.97 27.57
CA ASN B 408 -1.52 -6.90 28.66
C ASN B 408 -1.30 -8.33 28.20
N ALA B 409 -1.77 -8.67 26.99
CA ALA B 409 -1.54 -10.00 26.44
C ALA B 409 -0.06 -10.24 26.19
N ALA B 410 0.61 -9.26 25.60
CA ALA B 410 2.05 -9.38 25.36
C ALA B 410 2.82 -9.59 26.66
N ARG B 411 2.46 -8.86 27.72
CA ARG B 411 3.14 -9.01 29.01
CA ARG B 411 3.17 -9.02 28.98
C ARG B 411 3.04 -10.44 29.52
N MET B 412 1.87 -11.06 29.34
CA MET B 412 1.68 -12.43 29.84
C MET B 412 2.66 -13.39 29.18
N ILE B 413 2.95 -13.17 27.91
CA ILE B 413 3.86 -14.02 27.14
C ILE B 413 5.31 -13.72 27.53
N PHE B 414 5.67 -12.43 27.61
CA PHE B 414 7.02 -12.05 28.04
C PHE B 414 7.34 -12.61 29.42
N ASN B 415 6.37 -12.54 30.33
CA ASN B 415 6.61 -12.94 31.71
C ASN B 415 7.02 -14.40 31.87
N VAL B 416 6.66 -15.27 30.92
CA VAL B 416 7.11 -16.65 30.97
C VAL B 416 8.19 -16.91 29.92
N GLY B 417 8.80 -15.88 29.37
CA GLY B 417 9.91 -16.09 28.46
C GLY B 417 9.51 -16.59 27.09
N GLN B 418 8.28 -16.39 26.69
CA GLN B 418 7.83 -16.80 25.36
C GLN B 418 7.88 -15.59 24.43
N LYS B 419 7.59 -15.81 23.15
CA LYS B 419 7.85 -14.84 22.12
C LYS B 419 6.55 -14.18 21.67
N VAL B 420 6.61 -12.88 21.42
CA VAL B 420 5.50 -12.11 20.85
C VAL B 420 5.84 -11.77 19.42
N ILE B 421 4.92 -12.05 18.50
CA ILE B 421 5.05 -11.67 17.10
C ILE B 421 3.91 -10.69 16.81
N VAL B 422 4.26 -9.44 16.58
CA VAL B 422 3.23 -8.43 16.28
C VAL B 422 2.84 -8.56 14.82
N SER B 423 1.53 -8.56 14.54
CA SER B 423 1.06 -9.01 13.24
C SER B 423 0.21 -7.95 12.55
N HIS B 424 0.27 -7.97 11.21
CA HIS B 424 -0.68 -7.28 10.36
C HIS B 424 -2.00 -8.05 10.32
N ARG B 425 -2.98 -7.47 9.60
CA ARG B 425 -4.16 -8.19 9.13
C ARG B 425 -4.16 -8.22 7.60
N SER B 426 -5.08 -9.04 7.04
CA SER B 426 -5.13 -9.14 5.59
CA SER B 426 -5.20 -9.16 5.59
C SER B 426 -5.56 -7.81 4.95
N GLY B 427 -6.45 -7.07 5.59
CA GLY B 427 -6.71 -5.72 5.13
C GLY B 427 -5.96 -4.73 6.01
N GLU B 428 -4.96 -4.04 5.46
CA GLU B 428 -4.17 -3.11 6.27
C GLU B 428 -4.47 -1.69 5.83
N THR B 429 -3.88 -0.70 6.51
CA THR B 429 -4.08 0.69 6.14
C THR B 429 -2.71 1.37 6.04
N ALA B 430 -2.73 2.68 5.80
CA ALA B 430 -1.51 3.47 5.81
C ALA B 430 -0.90 3.57 7.22
N THR B 431 -1.63 3.20 8.27
CA THR B 431 -1.13 3.35 9.63
C THR B 431 0.03 2.38 9.85
N THR B 432 1.19 2.91 10.25
CA THR B 432 2.36 2.08 10.52
C THR B 432 2.60 1.86 12.02
N LEU B 433 1.56 2.04 12.84
CA LEU B 433 1.69 1.97 14.29
C LEU B 433 2.28 0.63 14.75
N ILE B 434 1.94 -0.49 14.08
CA ILE B 434 2.50 -1.74 14.60
C ILE B 434 4.02 -1.76 14.54
N SER B 435 4.64 -1.02 13.64
CA SER B 435 6.11 -0.99 13.67
C SER B 435 6.60 -0.29 14.93
N ASP B 436 5.98 0.83 15.31
CA ASP B 436 6.35 1.45 16.58
C ASP B 436 5.96 0.58 17.77
N LEU B 437 4.87 -0.17 17.67
CA LEU B 437 4.46 -1.02 18.78
C LEU B 437 5.45 -2.15 19.02
N VAL B 438 5.87 -2.84 17.95
CA VAL B 438 6.80 -3.96 18.14
C VAL B 438 8.09 -3.47 18.80
N VAL B 439 8.56 -2.29 18.42
CA VAL B 439 9.78 -1.77 19.06
C VAL B 439 9.49 -1.33 20.48
N GLY B 440 8.37 -0.62 20.67
CA GLY B 440 8.05 -0.05 21.96
C GLY B 440 7.89 -1.08 23.05
N ILE B 441 7.27 -2.23 22.73
CA ILE B 441 7.10 -3.27 23.74
C ILE B 441 8.24 -4.28 23.75
N GLY B 442 9.17 -4.19 22.82
CA GLY B 442 10.31 -5.08 22.83
C GLY B 442 10.04 -6.47 22.29
N ALA B 443 9.00 -6.62 21.47
CA ALA B 443 8.72 -7.88 20.82
C ALA B 443 9.82 -8.20 19.81
N THR B 444 10.14 -9.49 19.69
CA THR B 444 11.28 -9.93 18.89
C THR B 444 10.96 -10.04 17.41
N HIS B 445 9.67 -10.08 17.05
CA HIS B 445 9.29 -10.44 15.69
C HIS B 445 8.11 -9.59 15.24
N ILE B 446 8.10 -9.29 13.96
CA ILE B 446 6.95 -8.66 13.32
C ILE B 446 6.57 -9.52 12.12
N LYS B 447 5.28 -9.64 11.87
CA LYS B 447 4.79 -10.36 10.69
C LYS B 447 3.92 -9.37 9.93
N THR B 448 4.45 -8.80 8.83
CA THR B 448 3.72 -7.70 8.23
C THR B 448 3.76 -7.74 6.69
N GLY B 449 3.99 -8.90 6.09
CA GLY B 449 3.72 -9.13 4.68
C GLY B 449 5.00 -9.28 3.86
N ALA B 450 4.80 -9.50 2.56
CA ALA B 450 5.93 -9.52 1.63
C ALA B 450 6.57 -8.13 1.53
N THR B 451 7.70 -8.05 0.83
CA THR B 451 8.25 -6.75 0.50
C THR B 451 7.59 -6.17 -0.74
N ALA B 452 6.26 -6.16 -0.79
CA ALA B 452 5.54 -5.54 -1.90
C ALA B 452 4.17 -5.20 -1.37
N ARG B 453 3.52 -4.23 -2.04
CA ARG B 453 2.29 -3.56 -1.62
C ARG B 453 2.56 -2.50 -0.53
N GLY B 454 2.01 -1.29 -0.73
CA GLY B 454 2.37 -0.16 0.13
C GLY B 454 2.02 -0.36 1.58
N GLU B 455 0.93 -1.07 1.86
CA GLU B 455 0.53 -1.29 3.25
C GLU B 455 1.42 -2.31 3.95
N ARG B 456 2.27 -3.03 3.21
CA ARG B 456 3.27 -3.89 3.83
C ARG B 456 4.63 -3.21 3.89
N VAL B 457 5.11 -2.69 2.75
CA VAL B 457 6.46 -2.11 2.77
C VAL B 457 6.52 -0.91 3.69
N SER B 458 5.40 -0.18 3.90
CA SER B 458 5.44 0.99 4.78
CA SER B 458 5.49 0.99 4.77
C SER B 458 5.88 0.61 6.20
N LYS B 459 5.47 -0.57 6.67
CA LYS B 459 5.89 -1.01 8.00
C LYS B 459 7.39 -1.27 8.04
N TYR B 460 7.94 -1.86 6.97
CA TYR B 460 9.40 -2.02 6.93
C TYR B 460 10.10 -0.68 6.89
N ASN B 461 9.58 0.23 6.07
CA ASN B 461 10.19 1.55 5.95
C ASN B 461 10.14 2.30 7.28
N ARG B 462 9.04 2.14 8.02
CA ARG B 462 8.99 2.78 9.33
C ARG B 462 10.05 2.19 10.27
N LEU B 463 10.27 0.88 10.20
CA LEU B 463 11.35 0.30 11.02
C LEU B 463 12.72 0.77 10.58
N LEU B 464 12.92 1.01 9.28
CA LEU B 464 14.17 1.62 8.84
C LEU B 464 14.35 3.01 9.47
N GLN B 465 13.29 3.81 9.50
CA GLN B 465 13.36 5.12 10.17
C GLN B 465 13.65 4.96 11.66
N ILE B 466 12.97 4.04 12.34
CA ILE B 466 13.19 3.86 13.76
C ILE B 466 14.64 3.49 14.02
N GLU B 467 15.19 2.61 13.19
CA GLU B 467 16.58 2.20 13.37
C GLU B 467 17.51 3.40 13.33
N GLU B 468 17.31 4.28 12.35
CA GLU B 468 18.13 5.49 12.27
C GLU B 468 17.95 6.35 13.51
N TYR B 469 16.73 6.44 14.01
CA TYR B 469 16.50 7.24 15.20
C TYR B 469 17.26 6.66 16.39
N LEU B 470 17.17 5.34 16.56
CA LEU B 470 17.90 4.67 17.63
C LEU B 470 19.40 4.93 17.51
N GLU B 471 19.93 4.87 16.29
CA GLU B 471 21.35 5.15 16.08
C GLU B 471 21.69 6.60 16.41
N GLN B 472 20.83 7.53 16.01
CA GLN B 472 21.11 8.95 16.21
CA GLN B 472 21.11 8.95 16.20
C GLN B 472 21.11 9.33 17.67
N HIS B 473 20.35 8.60 18.51
CA HIS B 473 20.21 8.97 19.91
C HIS B 473 20.79 7.95 20.86
N GLY B 474 21.62 7.03 20.36
CA GLY B 474 22.29 6.09 21.25
C GLY B 474 21.35 5.19 22.02
N LEU B 475 20.22 4.83 21.42
CA LEU B 475 19.20 3.99 22.03
C LEU B 475 19.21 2.57 21.48
N LEU B 476 20.19 2.24 20.65
CA LEU B 476 20.20 0.97 19.93
C LEU B 476 20.85 -0.10 20.79
N ALA B 477 20.19 -1.24 20.94
CA ALA B 477 20.78 -2.39 21.63
C ALA B 477 21.26 -3.43 20.62
#